data_9B4G
#
_entry.id   9B4G
#
_cell.length_a   1.00
_cell.length_b   1.00
_cell.length_c   1.00
_cell.angle_alpha   90.00
_cell.angle_beta   90.00
_cell.angle_gamma   90.00
#
_symmetry.space_group_name_H-M   'P 1'
#
loop_
_entity.id
_entity.type
_entity.pdbx_description
1 polymer 'Phosphatidylserine synthase 1'
2 non-polymer O-[(R)-{[(2R)-2,3-bis(octadecanoyloxy)propyl]oxy}(hydroxy)phosphoryl]-L-serine
3 non-polymer 1-palmitoyl-2-oleoyl-sn-glycero-3-phosphocholine
4 non-polymer '(2R)-3-{[(S)-hydroxy{[(1R,2R,3R,4R,5R,6S)-2,3,4,5,6-pentahydroxycyclohexyl]oxy}phosphoryl]oxy}propane-1,2-diyl dihexadecanoate'
5 non-polymer '[(2~{R})-1-[2-azanylethoxy(oxidanyl)phosphoryl]oxy-3-hexadecanoyloxy-propan-2-yl] (~{Z})-octadec-9-enoate'
6 non-polymer 'CALCIUM ION'
7 non-polymer (7P)-7-[(4S)-4-{4-[3,5-bis(trifluoromethyl)phenoxy]phenyl}-5-(2,2-difluoropropyl)-6-oxo-1,4,5,6-tetrahydropyrrolo[3,4-c]pyrazol-3-yl]-1,3-benzoxazol-2(3H)-one
8 water water
#
_entity_poly.entity_id   1
_entity_poly.type   'polypeptide(L)'
_entity_poly.pdbx_seq_one_letter_code
;MASCVGSRTLSKDDVNYKMHFRMINEQQVEDITIDFFYRPHTITLLSFTIVSLMYFAFTRDDSVPEDNIWRGILSVIFFF
LIISVLAFPNGPFTRPHPALWRMVFGLSVLYFLFLVFLLFLNFEQVKSLMYWLDPNLRYATREADVMEYAVNCHVITWER
IISHFDIFAFGHFWGWAMKALLIRSYGLCWTISITWELTELFFMHLLPNFAECWWDQVILDILLCNGGGIWLGMVVCRFL
EMRTYHWASFKDIHTTTGKIKRAVLQFTPASWTYVRWFDPKSSFQRVAGVYLFMIIWQLTELNTFFLKHIFVFQASHPLS
WGRILFIGGITAPTVRQYYAYLTDTQCKRVGTQCWVFGVIGFLEAIVCIKFGQDLFSKTQILYVVLWLLCVAFTTFLCLY
GMIWYAEHY
;
_entity_poly.pdbx_strand_id   A,B
#
loop_
_chem_comp.id
_chem_comp.type
_chem_comp.name
_chem_comp.formula
6OU non-polymer '[(2~{R})-1-[2-azanylethoxy(oxidanyl)phosphoryl]oxy-3-hexadecanoyloxy-propan-2-yl] (~{Z})-octadec-9-enoate' 'C39 H76 N O8 P'
A1AIS non-polymer '(2R)-3-{[(S)-hydroxy{[(1R,2R,3R,4R,5R,6S)-2,3,4,5,6-pentahydroxycyclohexyl]oxy}phosphoryl]oxy}propane-1,2-diyl dihexadecanoate' 'C41 H79 O13 P'
A1AIT non-polymer (7P)-7-[(4S)-4-{4-[3,5-bis(trifluoromethyl)phenoxy]phenyl}-5-(2,2-difluoropropyl)-6-oxo-1,4,5,6-tetrahydropyrrolo[3,4-c]pyrazol-3-yl]-1,3-benzoxazol-2(3H)-one 'C29 H18 F8 N4 O4'
CA non-polymer 'CALCIUM ION' 'Ca 2'
LBN non-polymer 1-palmitoyl-2-oleoyl-sn-glycero-3-phosphocholine 'C42 H82 N O8 P'
P5S non-polymer O-[(R)-{[(2R)-2,3-bis(octadecanoyloxy)propyl]oxy}(hydroxy)phosphoryl]-L-serine 'C42 H82 N O10 P'
#
# COMPACT_ATOMS: atom_id res chain seq x y z
N LYS A 12 -19.80 -1.21 25.55
CA LYS A 12 -19.31 -2.47 25.02
C LYS A 12 -19.92 -2.76 23.66
N ASP A 13 -20.72 -1.82 23.15
CA ASP A 13 -21.24 -1.93 21.80
C ASP A 13 -20.16 -1.57 20.78
N ASP A 14 -19.16 -0.81 21.21
CA ASP A 14 -18.06 -0.47 20.33
C ASP A 14 -17.21 -1.70 20.01
N VAL A 15 -17.06 -2.60 20.98
CA VAL A 15 -16.36 -3.85 20.74
C VAL A 15 -17.10 -4.67 19.68
N ASN A 16 -18.43 -4.73 19.78
CA ASN A 16 -19.21 -5.46 18.80
C ASN A 16 -19.14 -4.80 17.43
N TYR A 17 -19.09 -3.46 17.41
CA TYR A 17 -18.96 -2.74 16.15
C TYR A 17 -17.64 -3.05 15.47
N LYS A 18 -16.53 -3.00 16.22
CA LYS A 18 -15.24 -3.29 15.63
C LYS A 18 -15.13 -4.75 15.22
N MET A 19 -15.78 -5.66 15.96
CA MET A 19 -15.80 -7.06 15.53
C MET A 19 -16.58 -7.24 14.24
N HIS A 20 -17.73 -6.59 14.11
CA HIS A 20 -18.52 -6.69 12.90
C HIS A 20 -17.85 -6.04 11.71
N PHE A 21 -16.98 -5.06 11.94
CA PHE A 21 -16.17 -4.57 10.84
C PHE A 21 -15.02 -5.49 10.49
N ARG A 22 -14.35 -6.06 11.50
CA ARG A 22 -13.24 -6.98 11.28
C ARG A 22 -13.68 -8.27 10.62
N MET A 23 -14.95 -8.64 10.75
CA MET A 23 -15.41 -9.85 10.08
C MET A 23 -15.84 -9.65 8.63
N ILE A 24 -16.01 -8.42 8.15
CA ILE A 24 -16.21 -8.17 6.73
C ILE A 24 -15.02 -7.49 6.09
N ASN A 25 -14.03 -7.10 6.87
CA ASN A 25 -12.83 -6.48 6.32
C ASN A 25 -11.63 -7.40 6.32
N GLU A 26 -11.40 -8.14 7.41
CA GLU A 26 -10.33 -9.13 7.47
C GLU A 26 -10.92 -10.40 8.10
N GLN A 27 -11.52 -11.23 7.27
CA GLN A 27 -12.04 -12.49 7.78
C GLN A 27 -10.90 -13.43 8.12
N GLN A 28 -11.04 -14.15 9.23
CA GLN A 28 -10.01 -15.06 9.72
C GLN A 28 -10.42 -16.48 9.42
N VAL A 29 -9.42 -17.33 9.16
CA VAL A 29 -9.68 -18.72 8.83
C VAL A 29 -10.10 -19.48 10.08
N GLU A 30 -11.10 -20.34 9.93
CA GLU A 30 -11.58 -21.17 11.02
C GLU A 30 -11.22 -22.64 10.75
N ASP A 31 -10.96 -23.37 11.82
CA ASP A 31 -10.69 -24.81 11.76
C ASP A 31 -9.50 -25.10 10.86
N ILE A 32 -8.32 -24.62 11.27
CA ILE A 32 -7.10 -24.83 10.51
C ILE A 32 -6.52 -26.19 10.89
N THR A 33 -6.33 -27.05 9.89
CA THR A 33 -5.73 -28.37 10.09
C THR A 33 -4.30 -28.44 9.59
N ILE A 34 -4.08 -28.12 8.31
CA ILE A 34 -2.73 -28.06 7.75
C ILE A 34 -2.19 -26.66 8.07
N ASP A 35 -1.47 -26.55 9.18
CA ASP A 35 -1.01 -25.25 9.66
C ASP A 35 0.18 -24.72 8.87
N PHE A 36 0.67 -25.47 7.89
CA PHE A 36 1.81 -24.99 7.10
C PHE A 36 1.39 -23.86 6.17
N PHE A 37 0.13 -23.86 5.73
CA PHE A 37 -0.32 -22.87 4.76
C PHE A 37 -0.55 -21.52 5.41
N TYR A 38 -0.60 -21.46 6.74
CA TYR A 38 -1.05 -20.25 7.42
C TYR A 38 -0.03 -19.66 8.39
N ARG A 39 1.13 -20.29 8.56
CA ARG A 39 2.15 -19.72 9.42
C ARG A 39 3.00 -18.72 8.63
N PRO A 40 3.20 -17.50 9.13
CA PRO A 40 3.98 -16.53 8.38
C PRO A 40 5.47 -16.84 8.45
N HIS A 41 6.17 -16.50 7.38
CA HIS A 41 7.62 -16.73 7.25
C HIS A 41 8.24 -15.44 6.69
N THR A 42 7.94 -14.32 7.34
CA THR A 42 8.26 -13.01 6.79
C THR A 42 9.76 -12.79 6.65
N ILE A 43 10.58 -13.44 7.49
CA ILE A 43 12.02 -13.25 7.36
C ILE A 43 12.56 -14.01 6.16
N THR A 44 11.99 -15.18 5.87
CA THR A 44 12.34 -15.88 4.63
C THR A 44 11.90 -15.07 3.42
N LEU A 45 10.75 -14.40 3.52
CA LEU A 45 10.32 -13.54 2.43
C LEU A 45 11.27 -12.37 2.25
N LEU A 46 11.79 -11.82 3.36
CA LEU A 46 12.75 -10.73 3.27
C LEU A 46 14.05 -11.20 2.63
N SER A 47 14.54 -12.37 3.03
CA SER A 47 15.77 -12.89 2.44
C SER A 47 15.57 -13.17 0.95
N PHE A 48 14.42 -13.73 0.57
CA PHE A 48 14.13 -13.95 -0.83
C PHE A 48 14.11 -12.65 -1.61
N THR A 49 13.44 -11.62 -1.06
CA THR A 49 13.39 -10.32 -1.72
C THR A 49 14.79 -9.77 -1.95
N ILE A 50 15.62 -9.76 -0.91
CA ILE A 50 16.94 -9.15 -1.02
C ILE A 50 17.81 -9.94 -1.98
N VAL A 51 17.78 -11.27 -1.91
CA VAL A 51 18.63 -12.09 -2.78
C VAL A 51 18.19 -11.96 -4.23
N SER A 52 16.88 -11.90 -4.47
CA SER A 52 16.40 -11.77 -5.85
C SER A 52 16.75 -10.41 -6.44
N LEU A 53 16.54 -9.34 -5.67
CA LEU A 53 16.91 -8.02 -6.17
C LEU A 53 18.41 -7.90 -6.36
N MET A 54 19.19 -8.58 -5.52
CA MET A 54 20.65 -8.63 -5.71
C MET A 54 21.00 -9.33 -7.01
N TYR A 55 20.39 -10.48 -7.27
CA TYR A 55 20.66 -11.22 -8.51
C TYR A 55 20.31 -10.38 -9.72
N PHE A 56 19.18 -9.66 -9.67
CA PHE A 56 18.79 -8.86 -10.84
C PHE A 56 19.69 -7.64 -10.99
N ALA A 57 20.03 -6.97 -9.90
CA ALA A 57 20.89 -5.79 -9.98
C ALA A 57 22.26 -6.15 -10.53
N PHE A 58 22.82 -7.28 -10.10
CA PHE A 58 24.22 -7.56 -10.38
C PHE A 58 24.45 -8.40 -11.64
N THR A 59 23.41 -8.99 -12.21
CA THR A 59 23.58 -9.85 -13.38
C THR A 59 22.82 -9.40 -14.61
N ARG A 60 21.77 -8.61 -14.47
CA ARG A 60 20.98 -8.19 -15.62
C ARG A 60 21.74 -7.17 -16.46
N ASP A 61 21.54 -7.24 -17.77
CA ASP A 61 22.14 -6.30 -18.70
C ASP A 61 21.17 -5.14 -18.89
N ASP A 62 21.57 -3.96 -18.43
CA ASP A 62 20.72 -2.78 -18.44
C ASP A 62 21.15 -1.74 -19.46
N SER A 63 21.59 -2.18 -20.64
CA SER A 63 22.07 -1.24 -21.65
C SER A 63 20.92 -0.65 -22.45
N VAL A 64 19.77 -1.32 -22.46
CA VAL A 64 18.60 -0.86 -23.21
C VAL A 64 17.67 -0.15 -22.22
N PRO A 65 17.44 1.16 -22.38
CA PRO A 65 16.67 1.89 -21.36
C PRO A 65 15.19 1.57 -21.32
N GLU A 66 14.55 1.35 -22.48
CA GLU A 66 13.12 1.04 -22.48
C GLU A 66 12.85 -0.26 -21.76
N ASP A 67 13.69 -1.27 -21.98
CA ASP A 67 13.57 -2.52 -21.25
C ASP A 67 13.79 -2.31 -19.76
N ASN A 68 14.70 -1.41 -19.39
CA ASN A 68 14.91 -1.10 -17.99
C ASN A 68 13.66 -0.53 -17.35
N ILE A 69 13.01 0.41 -18.03
CA ILE A 69 11.79 1.00 -17.48
C ILE A 69 10.69 -0.04 -17.38
N TRP A 70 10.55 -0.90 -18.38
CA TRP A 70 9.51 -1.92 -18.35
C TRP A 70 9.73 -2.92 -17.21
N ARG A 71 10.96 -3.43 -17.08
CA ARG A 71 11.27 -4.35 -16.00
C ARG A 71 11.10 -3.69 -14.64
N GLY A 72 11.48 -2.42 -14.52
CA GLY A 72 11.30 -1.73 -13.26
C GLY A 72 9.84 -1.60 -12.88
N ILE A 73 8.99 -1.30 -13.85
CA ILE A 73 7.55 -1.22 -13.58
C ILE A 73 7.02 -2.58 -13.13
N LEU A 74 7.36 -3.63 -13.86
CA LEU A 74 6.88 -4.97 -13.50
C LEU A 74 7.33 -5.37 -12.10
N SER A 75 8.57 -5.02 -11.74
CA SER A 75 9.08 -5.41 -10.43
C SER A 75 8.46 -4.58 -9.32
N VAL A 76 8.21 -3.28 -9.56
CA VAL A 76 7.47 -2.48 -8.60
C VAL A 76 6.11 -3.09 -8.35
N ILE A 77 5.44 -3.57 -9.39
CA ILE A 77 4.14 -4.20 -9.22
C ILE A 77 4.27 -5.48 -8.41
N PHE A 78 5.24 -6.32 -8.73
CA PHE A 78 5.42 -7.58 -8.02
C PHE A 78 5.67 -7.35 -6.53
N PHE A 79 6.56 -6.41 -6.20
CA PHE A 79 6.90 -6.23 -4.80
C PHE A 79 5.84 -5.42 -4.05
N PHE A 80 5.02 -4.66 -4.77
CA PHE A 80 3.84 -4.09 -4.11
C PHE A 80 2.82 -5.16 -3.80
N LEU A 81 2.72 -6.19 -4.64
CA LEU A 81 1.88 -7.32 -4.29
C LEU A 81 2.42 -8.08 -3.09
N ILE A 82 3.75 -8.15 -2.96
CA ILE A 82 4.34 -8.74 -1.76
C ILE A 82 4.00 -7.92 -0.52
N ILE A 83 4.14 -6.60 -0.61
CA ILE A 83 3.76 -5.73 0.50
C ILE A 83 2.28 -5.89 0.82
N SER A 84 1.45 -6.10 -0.20
CA SER A 84 0.03 -6.33 0.03
C SER A 84 -0.20 -7.62 0.81
N VAL A 85 0.45 -8.70 0.40
CA VAL A 85 0.34 -9.96 1.13
C VAL A 85 0.77 -9.77 2.58
N LEU A 86 1.75 -8.89 2.81
CA LEU A 86 2.20 -8.65 4.19
C LEU A 86 1.16 -7.87 4.99
N ALA A 87 0.73 -6.71 4.49
CA ALA A 87 0.08 -5.72 5.32
C ALA A 87 -1.32 -5.27 4.88
N PHE A 88 -1.89 -5.86 3.84
CA PHE A 88 -3.15 -5.31 3.39
C PHE A 88 -4.32 -6.15 3.89
N PRO A 89 -5.53 -5.56 3.94
CA PRO A 89 -6.69 -6.30 4.45
C PRO A 89 -7.12 -7.41 3.52
N ASN A 90 -7.82 -8.40 4.08
CA ASN A 90 -8.14 -9.62 3.36
C ASN A 90 -9.52 -9.55 2.70
N GLY A 91 -10.50 -8.97 3.38
CA GLY A 91 -11.84 -8.93 2.87
C GLY A 91 -12.73 -9.95 3.52
N PRO A 92 -13.96 -10.10 3.03
CA PRO A 92 -14.87 -11.09 3.61
C PRO A 92 -14.55 -12.52 3.25
N PHE A 93 -13.53 -12.76 2.43
CA PHE A 93 -13.25 -14.06 1.86
C PHE A 93 -11.95 -14.63 2.42
N THR A 94 -11.95 -15.94 2.67
CA THR A 94 -10.76 -16.65 3.12
C THR A 94 -10.51 -17.91 2.31
N ARG A 95 -10.84 -17.88 1.02
CA ARG A 95 -10.72 -19.04 0.16
C ARG A 95 -10.42 -18.60 -1.26
N PRO A 96 -9.47 -19.25 -1.95
CA PRO A 96 -8.64 -20.39 -1.57
C PRO A 96 -7.62 -20.06 -0.48
N HIS A 97 -7.23 -18.80 -0.39
CA HIS A 97 -6.31 -18.34 0.63
C HIS A 97 -6.49 -16.84 0.77
N PRO A 98 -6.38 -16.30 1.99
CA PRO A 98 -6.52 -14.85 2.15
C PRO A 98 -5.46 -14.04 1.42
N ALA A 99 -4.30 -14.63 1.14
CA ALA A 99 -3.23 -13.89 0.48
C ALA A 99 -3.61 -13.51 -0.94
N LEU A 100 -4.38 -14.37 -1.62
CA LEU A 100 -4.85 -14.03 -2.96
C LEU A 100 -5.71 -12.77 -2.94
N TRP A 101 -6.57 -12.65 -1.94
CA TRP A 101 -7.45 -11.48 -1.88
C TRP A 101 -6.70 -10.25 -1.40
N ARG A 102 -5.67 -10.43 -0.58
CA ARG A 102 -4.79 -9.30 -0.26
C ARG A 102 -4.09 -8.79 -1.52
N MET A 103 -3.62 -9.70 -2.38
CA MET A 103 -2.96 -9.28 -3.60
C MET A 103 -3.94 -8.61 -4.56
N VAL A 104 -5.19 -9.09 -4.58
CA VAL A 104 -6.22 -8.43 -5.39
C VAL A 104 -6.48 -7.02 -4.89
N PHE A 105 -6.52 -6.84 -3.56
CA PHE A 105 -6.67 -5.50 -3.01
C PHE A 105 -5.50 -4.60 -3.39
N GLY A 106 -4.27 -5.15 -3.35
CA GLY A 106 -3.12 -4.38 -3.77
C GLY A 106 -3.19 -3.95 -5.22
N LEU A 107 -3.66 -4.85 -6.08
CA LEU A 107 -3.87 -4.48 -7.49
C LEU A 107 -4.89 -3.36 -7.63
N SER A 108 -5.98 -3.42 -6.84
CA SER A 108 -6.97 -2.35 -6.90
C SER A 108 -6.39 -1.02 -6.46
N VAL A 109 -5.53 -1.04 -5.44
CA VAL A 109 -4.90 0.20 -4.98
C VAL A 109 -3.95 0.76 -6.05
N LEU A 110 -3.21 -0.13 -6.71
CA LEU A 110 -2.34 0.31 -7.81
C LEU A 110 -3.16 0.94 -8.94
N TYR A 111 -4.31 0.36 -9.27
CA TYR A 111 -5.15 0.93 -10.32
C TYR A 111 -5.72 2.28 -9.90
N PHE A 112 -6.11 2.41 -8.64
CA PHE A 112 -6.57 3.70 -8.12
C PHE A 112 -5.50 4.77 -8.27
N LEU A 113 -4.26 4.44 -7.91
CA LEU A 113 -3.18 5.44 -8.02
C LEU A 113 -2.87 5.73 -9.48
N PHE A 114 -2.97 4.73 -10.36
CA PHE A 114 -2.79 4.95 -11.78
C PHE A 114 -3.81 5.97 -12.31
N LEU A 115 -5.07 5.83 -11.90
CA LEU A 115 -6.09 6.79 -12.34
C LEU A 115 -5.84 8.18 -11.75
N VAL A 116 -5.43 8.25 -10.49
CA VAL A 116 -5.11 9.54 -9.88
C VAL A 116 -4.00 10.23 -10.68
N PHE A 117 -2.97 9.48 -11.07
CA PHE A 117 -1.92 10.06 -11.91
C PHE A 117 -2.47 10.50 -13.26
N LEU A 118 -3.30 9.66 -13.88
CA LEU A 118 -3.84 9.97 -15.20
C LEU A 118 -4.66 11.25 -15.20
N LEU A 119 -5.28 11.59 -14.06
CA LEU A 119 -6.13 12.78 -14.03
C LEU A 119 -5.36 14.08 -14.10
N PHE A 120 -4.02 14.05 -14.10
CA PHE A 120 -3.25 15.29 -14.11
C PHE A 120 -2.56 15.52 -15.45
N LEU A 121 -2.43 14.49 -16.27
CA LEU A 121 -1.84 14.63 -17.58
C LEU A 121 -2.85 15.21 -18.56
N ASN A 122 -2.36 15.70 -19.70
CA ASN A 122 -3.27 16.12 -20.74
C ASN A 122 -3.46 15.00 -21.76
N PHE A 123 -4.35 15.24 -22.73
CA PHE A 123 -4.77 14.17 -23.62
C PHE A 123 -3.59 13.60 -24.41
N GLU A 124 -2.68 14.46 -24.86
CA GLU A 124 -1.54 13.98 -25.64
C GLU A 124 -0.63 13.11 -24.79
N GLN A 125 -0.45 13.44 -23.51
CA GLN A 125 0.41 12.64 -22.65
C GLN A 125 -0.21 11.28 -22.38
N VAL A 126 -1.53 11.22 -22.17
CA VAL A 126 -2.19 9.95 -21.91
C VAL A 126 -2.18 9.08 -23.16
N LYS A 127 -2.39 9.70 -24.33
CA LYS A 127 -2.32 8.94 -25.56
C LYS A 127 -0.90 8.42 -25.80
N SER A 128 0.12 9.21 -25.48
CA SER A 128 1.50 8.74 -25.62
C SER A 128 1.79 7.60 -24.65
N LEU A 129 1.23 7.67 -23.44
CA LEU A 129 1.37 6.57 -22.51
C LEU A 129 0.75 5.28 -23.05
N MET A 130 -0.46 5.38 -23.59
CA MET A 130 -1.12 4.19 -24.14
C MET A 130 -0.39 3.68 -25.38
N TYR A 131 0.25 4.58 -26.13
CA TYR A 131 1.01 4.16 -27.30
C TYR A 131 2.32 3.50 -26.89
N TRP A 132 2.86 3.90 -25.74
CA TRP A 132 4.05 3.23 -25.22
C TRP A 132 3.70 1.82 -24.72
N LEU A 133 2.56 1.68 -24.05
CA LEU A 133 2.16 0.37 -23.57
C LEU A 133 1.82 -0.56 -24.74
N ASP A 134 1.23 -0.03 -25.80
CA ASP A 134 0.89 -0.81 -26.99
C ASP A 134 1.33 -0.03 -28.23
N PRO A 135 2.46 -0.37 -28.84
CA PRO A 135 2.93 0.41 -29.99
C PRO A 135 1.96 0.39 -31.17
N ASN A 136 1.09 -0.61 -31.26
CA ASN A 136 0.15 -0.70 -32.37
C ASN A 136 -1.14 0.06 -32.11
N LEU A 137 -1.20 0.87 -31.05
CA LEU A 137 -2.42 1.63 -30.78
C LEU A 137 -2.55 2.84 -31.70
N ARG A 138 -1.44 3.33 -32.23
CA ARG A 138 -1.49 4.51 -33.10
C ARG A 138 -2.30 4.25 -34.36
N TYR A 139 -2.25 3.03 -34.87
CA TYR A 139 -2.88 2.69 -36.15
C TYR A 139 -4.08 1.77 -35.95
N ALA A 140 -4.86 2.03 -34.91
CA ALA A 140 -6.06 1.25 -34.59
C ALA A 140 -7.28 1.95 -35.17
N THR A 141 -8.12 1.18 -35.84
CA THR A 141 -9.34 1.72 -36.44
C THR A 141 -10.42 1.96 -35.38
N ASN A 152 -27.12 -4.90 -43.77
CA ASN A 152 -27.14 -6.32 -44.09
C ASN A 152 -27.59 -7.16 -42.90
N CYS A 153 -28.75 -6.80 -42.34
CA CYS A 153 -29.28 -7.50 -41.18
C CYS A 153 -30.61 -8.18 -41.45
N HIS A 154 -31.36 -7.75 -42.46
CA HIS A 154 -32.60 -8.42 -42.82
C HIS A 154 -32.34 -9.77 -43.46
N VAL A 155 -31.06 -10.10 -43.69
CA VAL A 155 -30.67 -11.37 -44.29
C VAL A 155 -29.96 -12.20 -43.24
N ILE A 156 -30.36 -12.04 -41.98
CA ILE A 156 -29.69 -12.72 -40.87
C ILE A 156 -29.98 -14.22 -40.90
N THR A 157 -29.02 -15.00 -41.41
CA THR A 157 -29.15 -16.45 -41.50
C THR A 157 -29.09 -17.04 -40.10
N TRP A 158 -29.63 -18.26 -39.98
CA TRP A 158 -29.63 -18.99 -38.72
C TRP A 158 -28.22 -19.23 -38.20
N GLU A 159 -27.24 -19.32 -39.09
CA GLU A 159 -25.90 -19.67 -38.68
C GLU A 159 -25.04 -18.45 -38.37
N ARG A 160 -25.28 -17.32 -39.02
CA ARG A 160 -24.60 -16.09 -38.60
C ARG A 160 -25.04 -15.67 -37.20
N ILE A 161 -26.15 -16.22 -36.71
CA ILE A 161 -26.56 -15.99 -35.33
C ILE A 161 -25.61 -16.70 -34.38
N ILE A 162 -25.33 -17.99 -34.62
CA ILE A 162 -24.39 -18.71 -33.77
C ILE A 162 -22.97 -18.22 -34.01
N SER A 163 -22.73 -17.54 -35.14
CA SER A 163 -21.44 -16.91 -35.34
C SER A 163 -21.18 -15.79 -34.35
N HIS A 164 -22.26 -15.21 -33.78
CA HIS A 164 -22.10 -14.10 -32.85
C HIS A 164 -21.44 -14.57 -31.55
N PHE A 165 -21.66 -15.82 -31.16
CA PHE A 165 -21.08 -16.32 -29.92
C PHE A 165 -19.57 -16.45 -30.07
N ASP A 166 -18.84 -15.68 -29.26
CA ASP A 166 -17.39 -15.65 -29.30
C ASP A 166 -16.87 -15.92 -27.89
N ILE A 167 -15.56 -15.72 -27.70
CA ILE A 167 -14.99 -15.82 -26.37
C ILE A 167 -15.51 -14.69 -25.48
N PHE A 168 -15.88 -13.58 -26.10
CA PHE A 168 -16.42 -12.46 -25.33
C PHE A 168 -17.87 -12.70 -24.95
N ALA A 169 -18.60 -13.47 -25.75
CA ALA A 169 -19.92 -13.94 -25.33
C ALA A 169 -19.80 -14.89 -24.16
N PHE A 170 -18.79 -15.75 -24.18
CA PHE A 170 -18.47 -16.60 -23.03
C PHE A 170 -18.21 -15.75 -21.80
N GLY A 171 -17.44 -14.66 -21.96
CA GLY A 171 -17.16 -13.78 -20.85
C GLY A 171 -18.40 -13.09 -20.31
N HIS A 172 -19.27 -12.62 -21.21
CA HIS A 172 -20.54 -12.03 -20.78
C HIS A 172 -21.38 -13.03 -19.99
N PHE A 173 -21.52 -14.24 -20.52
CA PHE A 173 -22.29 -15.28 -19.84
C PHE A 173 -21.77 -15.52 -18.43
N TRP A 174 -20.45 -15.71 -18.30
CA TRP A 174 -19.92 -16.09 -16.99
C TRP A 174 -19.87 -14.90 -16.04
N GLY A 175 -19.70 -13.69 -16.57
CA GLY A 175 -19.78 -12.51 -15.73
C GLY A 175 -21.18 -12.31 -15.17
N TRP A 176 -22.20 -12.52 -16.00
CA TRP A 176 -23.55 -12.41 -15.50
C TRP A 176 -23.89 -13.55 -14.55
N ALA A 177 -23.32 -14.72 -14.76
CA ALA A 177 -23.50 -15.81 -13.81
C ALA A 177 -22.92 -15.45 -12.44
N MET A 178 -21.70 -14.92 -12.42
CA MET A 178 -21.09 -14.51 -11.15
C MET A 178 -21.88 -13.39 -10.49
N LYS A 179 -22.33 -12.41 -11.28
CA LYS A 179 -23.10 -11.31 -10.71
C LYS A 179 -24.42 -11.80 -10.12
N ALA A 180 -25.13 -12.68 -10.83
CA ALA A 180 -26.37 -13.21 -10.28
C ALA A 180 -26.12 -14.10 -9.09
N LEU A 181 -24.94 -14.71 -9.00
CA LEU A 181 -24.57 -15.48 -7.82
C LEU A 181 -24.41 -14.57 -6.61
N LEU A 182 -23.73 -13.45 -6.78
CA LEU A 182 -23.45 -12.57 -5.65
C LEU A 182 -24.64 -11.67 -5.28
N ILE A 183 -25.48 -11.32 -6.25
CA ILE A 183 -26.57 -10.39 -5.97
C ILE A 183 -27.79 -11.11 -5.44
N ARG A 184 -28.05 -12.33 -5.94
CA ARG A 184 -29.23 -13.11 -5.56
C ARG A 184 -30.52 -12.33 -5.80
N SER A 185 -30.78 -11.97 -7.05
CA SER A 185 -32.02 -11.30 -7.41
C SER A 185 -32.22 -11.39 -8.92
N TYR A 186 -33.37 -11.93 -9.33
CA TYR A 186 -33.74 -11.84 -10.73
C TYR A 186 -34.06 -10.40 -11.11
N GLY A 187 -34.66 -9.65 -10.19
CA GLY A 187 -35.11 -8.31 -10.51
C GLY A 187 -33.96 -7.36 -10.77
N LEU A 188 -33.02 -7.27 -9.83
CA LEU A 188 -31.88 -6.36 -9.99
C LEU A 188 -31.07 -6.72 -11.23
N CYS A 189 -30.80 -8.00 -11.42
CA CYS A 189 -29.95 -8.43 -12.52
C CYS A 189 -30.64 -8.18 -13.87
N TRP A 190 -31.92 -8.51 -13.97
CA TRP A 190 -32.63 -8.28 -15.23
C TRP A 190 -32.79 -6.79 -15.50
N THR A 191 -33.01 -5.99 -14.45
CA THR A 191 -33.08 -4.55 -14.62
C THR A 191 -31.79 -3.99 -15.20
N ILE A 192 -30.66 -4.31 -14.56
CA ILE A 192 -29.39 -3.77 -15.04
C ILE A 192 -29.08 -4.30 -16.43
N SER A 193 -29.38 -5.57 -16.69
CA SER A 193 -29.17 -6.14 -18.02
C SER A 193 -29.93 -5.35 -19.09
N ILE A 194 -31.25 -5.24 -18.93
CA ILE A 194 -32.06 -4.58 -19.95
C ILE A 194 -31.64 -3.12 -20.12
N THR A 195 -31.47 -2.41 -19.00
CA THR A 195 -31.16 -0.99 -19.10
C THR A 195 -29.80 -0.76 -19.74
N TRP A 196 -28.79 -1.57 -19.40
CA TRP A 196 -27.48 -1.37 -20.00
C TRP A 196 -27.46 -1.78 -21.46
N GLU A 197 -28.18 -2.84 -21.83
CA GLU A 197 -28.20 -3.21 -23.24
C GLU A 197 -28.88 -2.12 -24.07
N LEU A 198 -29.95 -1.53 -23.55
CA LEU A 198 -30.60 -0.44 -24.28
C LEU A 198 -29.70 0.79 -24.35
N THR A 199 -28.99 1.09 -23.26
CA THR A 199 -28.08 2.24 -23.28
C THR A 199 -26.95 2.03 -24.28
N GLU A 200 -26.40 0.82 -24.32
CA GLU A 200 -25.33 0.52 -25.28
C GLU A 200 -25.83 0.63 -26.71
N LEU A 201 -27.03 0.11 -26.99
CA LEU A 201 -27.60 0.26 -28.33
C LEU A 201 -27.79 1.73 -28.68
N PHE A 202 -28.29 2.54 -27.75
CA PHE A 202 -28.49 3.95 -28.02
C PHE A 202 -27.17 4.66 -28.32
N PHE A 203 -26.14 4.37 -27.52
CA PHE A 203 -24.85 5.03 -27.75
C PHE A 203 -24.22 4.57 -29.05
N MET A 204 -24.42 3.30 -29.42
CA MET A 204 -23.90 2.83 -30.70
C MET A 204 -24.63 3.50 -31.86
N HIS A 205 -25.92 3.80 -31.68
CA HIS A 205 -26.63 4.58 -32.69
C HIS A 205 -26.11 6.01 -32.74
N LEU A 206 -25.71 6.56 -31.59
CA LEU A 206 -25.22 7.93 -31.54
C LEU A 206 -23.87 8.06 -32.24
N LEU A 207 -22.86 7.32 -31.77
CA LEU A 207 -21.59 7.23 -32.46
C LEU A 207 -21.82 6.64 -33.85
N PRO A 208 -20.97 6.91 -34.84
CA PRO A 208 -21.21 6.34 -36.17
C PRO A 208 -21.27 4.82 -36.13
N ASN A 209 -20.15 4.19 -35.76
CA ASN A 209 -20.11 2.81 -35.31
C ASN A 209 -20.50 1.81 -36.39
N PHE A 210 -20.93 2.30 -37.56
CA PHE A 210 -21.59 1.47 -38.55
C PHE A 210 -22.66 0.61 -37.89
N ALA A 211 -23.46 1.22 -37.03
CA ALA A 211 -24.32 0.48 -36.10
C ALA A 211 -25.57 -0.09 -36.75
N GLU A 212 -25.39 -1.01 -37.69
CA GLU A 212 -26.52 -1.79 -38.19
C GLU A 212 -26.71 -3.04 -37.33
N CYS A 213 -27.73 -3.85 -37.65
CA CYS A 213 -27.94 -5.13 -37.01
C CYS A 213 -28.11 -5.01 -35.50
N TRP A 214 -29.20 -4.37 -35.07
CA TRP A 214 -29.47 -4.13 -33.66
C TRP A 214 -30.26 -5.27 -33.04
N TRP A 215 -30.29 -6.43 -33.70
CA TRP A 215 -31.00 -7.60 -33.21
C TRP A 215 -30.03 -8.54 -32.50
N ASP A 216 -28.80 -8.08 -32.33
CA ASP A 216 -27.75 -8.86 -31.68
C ASP A 216 -27.46 -8.28 -30.30
N GLN A 217 -28.27 -7.30 -29.89
CA GLN A 217 -28.05 -6.63 -28.62
C GLN A 217 -29.31 -6.68 -27.76
N VAL A 218 -30.48 -6.66 -28.39
CA VAL A 218 -31.73 -6.63 -27.63
C VAL A 218 -32.33 -8.02 -27.53
N ILE A 219 -31.82 -8.97 -28.30
CA ILE A 219 -32.36 -10.32 -28.35
C ILE A 219 -31.30 -11.36 -28.02
N LEU A 220 -30.23 -11.42 -28.81
CA LEU A 220 -29.20 -12.44 -28.56
C LEU A 220 -28.40 -12.12 -27.32
N ASP A 221 -28.34 -10.85 -26.91
CA ASP A 221 -27.50 -10.47 -25.79
C ASP A 221 -28.31 -10.39 -24.50
N ILE A 222 -29.61 -10.13 -24.59
CA ILE A 222 -30.44 -10.07 -23.40
C ILE A 222 -30.97 -11.44 -23.03
N LEU A 223 -31.54 -12.16 -24.00
CA LEU A 223 -32.28 -13.38 -23.72
C LEU A 223 -31.39 -14.62 -23.61
N LEU A 224 -30.20 -14.61 -24.20
CA LEU A 224 -29.37 -15.81 -24.24
C LEU A 224 -28.13 -15.69 -23.38
N CYS A 225 -27.31 -14.66 -23.59
CA CYS A 225 -26.11 -14.51 -22.76
C CYS A 225 -26.48 -14.03 -21.37
N ASN A 226 -27.09 -12.84 -21.28
CA ASN A 226 -27.43 -12.27 -19.98
C ASN A 226 -28.48 -13.12 -19.26
N GLY A 227 -29.54 -13.51 -19.97
CA GLY A 227 -30.61 -14.27 -19.33
C GLY A 227 -30.15 -15.63 -18.84
N GLY A 228 -29.46 -16.37 -19.70
CA GLY A 228 -28.95 -17.67 -19.28
C GLY A 228 -27.91 -17.56 -18.18
N GLY A 229 -27.08 -16.52 -18.24
CA GLY A 229 -26.11 -16.30 -17.17
C GLY A 229 -26.79 -16.04 -15.84
N ILE A 230 -27.82 -15.20 -15.84
CA ILE A 230 -28.54 -14.91 -14.61
C ILE A 230 -29.24 -16.17 -14.09
N TRP A 231 -29.82 -16.96 -14.99
CA TRP A 231 -30.48 -18.21 -14.57
C TRP A 231 -29.47 -19.15 -13.91
N LEU A 232 -28.32 -19.35 -14.54
CA LEU A 232 -27.31 -20.24 -13.99
C LEU A 232 -26.81 -19.73 -12.64
N GLY A 233 -26.57 -18.41 -12.56
CA GLY A 233 -26.11 -17.86 -11.30
C GLY A 233 -27.11 -18.05 -10.18
N MET A 234 -28.39 -17.86 -10.47
CA MET A 234 -29.42 -18.00 -9.44
C MET A 234 -29.58 -19.46 -9.03
N VAL A 235 -29.48 -20.38 -9.98
CA VAL A 235 -29.57 -21.80 -9.64
C VAL A 235 -28.41 -22.20 -8.74
N VAL A 236 -27.18 -21.81 -9.11
CA VAL A 236 -26.03 -22.16 -8.30
C VAL A 236 -26.09 -21.48 -6.93
N CYS A 237 -26.65 -20.27 -6.88
CA CYS A 237 -26.76 -19.58 -5.60
C CYS A 237 -27.74 -20.28 -4.68
N ARG A 238 -28.90 -20.70 -5.21
CA ARG A 238 -29.85 -21.44 -4.39
C ARG A 238 -29.25 -22.76 -3.92
N PHE A 239 -28.52 -23.44 -4.81
CA PHE A 239 -27.83 -24.67 -4.40
C PHE A 239 -26.85 -24.41 -3.26
N LEU A 240 -26.02 -23.38 -3.39
CA LEU A 240 -25.03 -23.08 -2.36
C LEU A 240 -25.69 -22.66 -1.06
N GLU A 241 -26.89 -22.07 -1.14
CA GLU A 241 -27.60 -21.70 0.08
C GLU A 241 -28.16 -22.91 0.79
N MET A 242 -28.70 -23.87 0.03
CA MET A 242 -29.38 -25.00 0.66
C MET A 242 -28.38 -26.01 1.25
N ARG A 243 -27.19 -26.11 0.67
CA ARG A 243 -26.28 -27.19 1.03
C ARG A 243 -25.71 -26.98 2.43
N THR A 244 -25.19 -28.07 3.00
CA THR A 244 -24.58 -28.08 4.32
C THR A 244 -23.09 -28.32 4.19
N TYR A 245 -22.29 -27.46 4.81
CA TYR A 245 -20.84 -27.46 4.63
C TYR A 245 -20.17 -28.19 5.78
N HIS A 246 -19.58 -29.33 5.49
CA HIS A 246 -18.78 -30.09 6.44
C HIS A 246 -17.43 -30.39 5.78
N TRP A 247 -16.37 -29.79 6.29
CA TRP A 247 -15.06 -29.85 5.67
C TRP A 247 -14.13 -30.71 6.52
N ALA A 248 -13.88 -31.93 6.07
CA ALA A 248 -12.87 -32.76 6.70
C ALA A 248 -11.48 -32.35 6.22
N SER A 249 -10.49 -32.64 7.04
CA SER A 249 -9.12 -32.25 6.71
C SER A 249 -8.61 -33.02 5.50
N PHE A 250 -7.66 -32.42 4.80
CA PHE A 250 -7.04 -33.10 3.66
C PHE A 250 -6.24 -34.31 4.13
N LYS A 251 -5.75 -34.28 5.37
CA LYS A 251 -4.98 -35.41 5.89
C LYS A 251 -5.86 -36.63 6.11
N ASP A 252 -7.04 -36.43 6.71
CA ASP A 252 -7.82 -37.56 7.21
C ASP A 252 -8.47 -38.36 6.09
N ILE A 253 -8.51 -37.81 4.87
CA ILE A 253 -9.08 -38.57 3.76
C ILE A 253 -8.23 -39.79 3.50
N HIS A 254 -8.86 -40.96 3.50
CA HIS A 254 -8.11 -42.21 3.34
C HIS A 254 -7.73 -42.46 1.89
N THR A 255 -8.68 -42.30 0.97
CA THR A 255 -8.45 -42.60 -0.43
C THR A 255 -7.76 -41.44 -1.13
N THR A 256 -7.50 -41.62 -2.42
CA THR A 256 -6.87 -40.57 -3.21
C THR A 256 -7.89 -39.71 -3.93
N THR A 257 -8.98 -40.32 -4.40
CA THR A 257 -10.05 -39.55 -5.05
C THR A 257 -10.64 -38.54 -4.08
N GLY A 258 -10.85 -38.93 -2.83
CA GLY A 258 -11.32 -37.98 -1.84
C GLY A 258 -10.33 -36.86 -1.58
N LYS A 259 -9.03 -37.19 -1.60
CA LYS A 259 -8.02 -36.18 -1.39
C LYS A 259 -8.04 -35.13 -2.51
N ILE A 260 -8.06 -35.58 -3.76
CA ILE A 260 -8.08 -34.62 -4.86
C ILE A 260 -9.40 -33.87 -4.89
N LYS A 261 -10.49 -34.52 -4.47
CA LYS A 261 -11.77 -33.82 -4.38
C LYS A 261 -11.72 -32.70 -3.36
N ARG A 262 -11.10 -32.94 -2.20
CA ARG A 262 -10.96 -31.88 -1.21
C ARG A 262 -10.05 -30.78 -1.71
N ALA A 263 -8.95 -31.15 -2.37
CA ALA A 263 -8.03 -30.14 -2.89
C ALA A 263 -8.71 -29.28 -3.96
N VAL A 264 -9.66 -29.84 -4.69
CA VAL A 264 -10.39 -29.06 -5.69
C VAL A 264 -11.46 -28.20 -5.03
N LEU A 265 -12.14 -28.73 -4.01
CA LEU A 265 -13.13 -27.95 -3.28
C LEU A 265 -12.50 -26.83 -2.46
N GLN A 266 -11.19 -26.87 -2.23
CA GLN A 266 -10.52 -25.76 -1.58
C GLN A 266 -10.61 -24.46 -2.37
N PHE A 267 -11.07 -24.52 -3.62
CA PHE A 267 -11.27 -23.35 -4.45
C PHE A 267 -12.74 -22.99 -4.59
N THR A 268 -13.57 -23.40 -3.64
CA THR A 268 -15.00 -23.12 -3.60
C THR A 268 -15.34 -22.45 -2.28
N PRO A 269 -16.51 -21.81 -2.18
CA PRO A 269 -16.88 -21.16 -0.91
C PRO A 269 -17.03 -22.16 0.22
N ALA A 270 -16.56 -21.75 1.40
CA ALA A 270 -16.68 -22.59 2.60
C ALA A 270 -18.04 -22.43 3.27
N SER A 271 -18.64 -21.25 3.13
CA SER A 271 -19.96 -20.98 3.66
C SER A 271 -20.64 -19.98 2.75
N TRP A 272 -21.96 -19.92 2.80
CA TRP A 272 -22.70 -19.05 1.93
C TRP A 272 -23.66 -18.18 2.73
N THR A 273 -23.75 -16.91 2.35
CA THR A 273 -24.59 -15.93 3.00
C THR A 273 -25.99 -15.95 2.42
N TYR A 274 -26.99 -15.73 3.26
CA TYR A 274 -28.37 -15.60 2.81
C TYR A 274 -28.65 -14.14 2.49
N VAL A 275 -28.78 -13.82 1.22
CA VAL A 275 -28.89 -12.44 0.75
C VAL A 275 -30.37 -12.06 0.64
N ARG A 276 -30.72 -10.92 1.23
CA ARG A 276 -32.07 -10.37 1.15
C ARG A 276 -31.93 -8.85 1.11
N TRP A 277 -32.19 -8.25 -0.05
CA TRP A 277 -32.00 -6.81 -0.19
C TRP A 277 -33.17 -6.04 0.40
N PHE A 278 -34.38 -6.57 0.27
CA PHE A 278 -35.60 -5.89 0.68
C PHE A 278 -36.21 -6.59 1.88
N ASP A 279 -36.32 -5.88 2.99
CA ASP A 279 -37.08 -6.36 4.14
C ASP A 279 -38.57 -6.26 3.85
N PRO A 280 -39.42 -6.83 4.70
CA PRO A 280 -40.87 -6.60 4.54
C PRO A 280 -41.24 -5.13 4.49
N LYS A 281 -40.83 -4.36 5.50
CA LYS A 281 -41.03 -2.91 5.51
C LYS A 281 -39.67 -2.26 5.65
N SER A 282 -39.13 -1.76 4.54
CA SER A 282 -37.76 -1.29 4.45
C SER A 282 -37.70 0.22 4.60
N SER A 283 -36.65 0.69 5.26
CA SER A 283 -36.48 2.11 5.51
C SER A 283 -36.18 2.86 4.22
N PHE A 284 -36.13 4.19 4.33
CA PHE A 284 -35.71 5.00 3.19
C PHE A 284 -34.21 4.84 2.94
N GLN A 285 -33.45 4.61 4.00
CA GLN A 285 -32.01 4.38 3.84
C GLN A 285 -31.74 3.11 3.05
N ARG A 286 -32.55 2.07 3.26
CA ARG A 286 -32.38 0.82 2.53
C ARG A 286 -32.63 1.02 1.05
N VAL A 287 -33.75 1.64 0.70
CA VAL A 287 -34.09 1.89 -0.69
C VAL A 287 -33.04 2.77 -1.35
N ALA A 288 -32.57 3.78 -0.63
CA ALA A 288 -31.57 4.68 -1.20
C ALA A 288 -30.24 3.98 -1.40
N GLY A 289 -29.88 3.07 -0.49
CA GLY A 289 -28.65 2.32 -0.66
C GLY A 289 -28.71 1.35 -1.82
N VAL A 290 -29.86 0.70 -2.01
CA VAL A 290 -30.00 -0.20 -3.16
C VAL A 290 -29.97 0.59 -4.46
N TYR A 291 -30.62 1.76 -4.48
CA TYR A 291 -30.59 2.60 -5.68
C TYR A 291 -29.18 3.06 -6.00
N LEU A 292 -28.42 3.47 -4.98
CA LEU A 292 -27.03 3.85 -5.19
C LEU A 292 -26.21 2.66 -5.70
N PHE A 293 -26.47 1.47 -5.18
CA PHE A 293 -25.80 0.28 -5.68
C PHE A 293 -26.01 0.10 -7.17
N MET A 294 -27.28 0.20 -7.61
CA MET A 294 -27.58 0.00 -9.02
C MET A 294 -27.00 1.11 -9.89
N ILE A 295 -26.98 2.33 -9.36
CA ILE A 295 -26.41 3.45 -10.11
C ILE A 295 -24.91 3.26 -10.30
N ILE A 296 -24.20 2.83 -9.26
CA ILE A 296 -22.76 2.59 -9.41
C ILE A 296 -22.51 1.40 -10.32
N TRP A 297 -23.39 0.40 -10.30
CA TRP A 297 -23.28 -0.72 -11.23
C TRP A 297 -23.33 -0.23 -12.68
N GLN A 298 -24.37 0.55 -13.01
CA GLN A 298 -24.49 1.05 -14.37
C GLN A 298 -23.37 2.03 -14.71
N LEU A 299 -22.84 2.72 -13.70
CA LEU A 299 -21.70 3.61 -13.94
C LEU A 299 -20.45 2.84 -14.31
N THR A 300 -20.19 1.73 -13.62
CA THR A 300 -19.05 0.91 -13.99
C THR A 300 -19.26 0.25 -15.34
N GLU A 301 -20.52 0.04 -15.74
CA GLU A 301 -20.77 -0.43 -17.10
C GLU A 301 -20.48 0.66 -18.13
N LEU A 302 -20.80 1.90 -17.83
CA LEU A 302 -20.52 3.00 -18.75
C LEU A 302 -19.03 3.28 -18.87
N ASN A 303 -18.28 3.11 -17.78
CA ASN A 303 -16.85 3.42 -17.79
C ASN A 303 -16.12 2.61 -18.85
N THR A 304 -16.41 1.33 -18.96
CA THR A 304 -15.71 0.48 -19.93
C THR A 304 -15.99 0.93 -21.36
N PHE A 305 -17.27 1.09 -21.68
CA PHE A 305 -17.67 1.56 -23.01
C PHE A 305 -16.96 2.86 -23.37
N PHE A 306 -17.01 3.84 -22.47
CA PHE A 306 -16.48 5.15 -22.82
C PHE A 306 -14.96 5.15 -22.87
N LEU A 307 -14.29 4.43 -21.96
CA LEU A 307 -12.83 4.36 -22.03
C LEU A 307 -12.37 3.63 -23.28
N LYS A 308 -13.13 2.65 -23.74
CA LYS A 308 -12.77 1.94 -24.97
C LYS A 308 -13.06 2.78 -26.19
N HIS A 309 -13.96 3.77 -26.09
CA HIS A 309 -14.23 4.60 -27.27
C HIS A 309 -13.38 5.86 -27.30
N ILE A 310 -12.94 6.36 -26.13
CA ILE A 310 -12.09 7.54 -26.11
C ILE A 310 -10.77 7.26 -26.83
N PHE A 311 -9.99 6.33 -26.28
CA PHE A 311 -8.84 5.75 -26.95
C PHE A 311 -9.31 4.49 -27.63
N VAL A 312 -8.81 4.22 -28.83
CA VAL A 312 -9.42 3.15 -29.61
C VAL A 312 -8.84 1.83 -29.15
N PHE A 313 -9.37 1.30 -28.05
CA PHE A 313 -8.84 0.09 -27.45
C PHE A 313 -9.39 -1.14 -28.16
N GLN A 314 -8.54 -2.14 -28.31
CA GLN A 314 -8.90 -3.41 -28.94
C GLN A 314 -9.29 -4.40 -27.86
N ALA A 315 -10.35 -5.16 -28.12
CA ALA A 315 -10.89 -6.04 -27.08
C ALA A 315 -10.03 -7.28 -26.88
N SER A 316 -9.05 -7.49 -27.75
CA SER A 316 -8.25 -8.70 -27.65
C SER A 316 -6.92 -8.46 -26.94
N HIS A 317 -6.58 -7.19 -26.71
CA HIS A 317 -5.30 -6.89 -26.07
C HIS A 317 -5.33 -7.36 -24.62
N PRO A 318 -4.22 -7.89 -24.10
CA PRO A 318 -4.22 -8.42 -22.73
C PRO A 318 -4.70 -7.44 -21.68
N LEU A 319 -4.41 -6.14 -21.83
CA LEU A 319 -4.86 -5.19 -20.83
C LEU A 319 -6.36 -4.96 -20.92
N SER A 320 -6.92 -5.04 -22.13
CA SER A 320 -8.34 -4.81 -22.31
C SER A 320 -9.18 -5.82 -21.54
N TRP A 321 -8.97 -7.12 -21.78
CA TRP A 321 -9.77 -8.12 -21.07
C TRP A 321 -9.22 -8.39 -19.69
N GLY A 322 -7.93 -8.12 -19.46
CA GLY A 322 -7.39 -8.26 -18.12
C GLY A 322 -8.02 -7.28 -17.15
N ARG A 323 -8.27 -6.05 -17.60
CA ARG A 323 -8.91 -5.06 -16.75
C ARG A 323 -10.35 -5.47 -16.43
N ILE A 324 -11.04 -6.09 -17.39
CA ILE A 324 -12.40 -6.54 -17.14
C ILE A 324 -12.41 -7.71 -16.17
N LEU A 325 -11.49 -8.66 -16.34
CA LEU A 325 -11.38 -9.76 -15.38
C LEU A 325 -11.04 -9.24 -13.99
N PHE A 326 -10.19 -8.21 -13.90
CA PHE A 326 -9.81 -7.68 -12.60
C PHE A 326 -10.97 -6.94 -11.93
N ILE A 327 -11.75 -6.20 -12.71
CA ILE A 327 -12.94 -5.55 -12.15
C ILE A 327 -13.95 -6.60 -11.69
N GLY A 328 -14.12 -7.66 -12.48
CA GLY A 328 -15.00 -8.74 -12.05
C GLY A 328 -14.48 -9.47 -10.83
N GLY A 329 -13.16 -9.43 -10.62
CA GLY A 329 -12.60 -10.04 -9.44
C GLY A 329 -12.82 -9.21 -8.19
N ILE A 330 -12.54 -7.90 -8.27
CA ILE A 330 -12.79 -7.03 -7.12
C ILE A 330 -14.26 -6.75 -6.91
N THR A 331 -15.12 -7.16 -7.84
CA THR A 331 -16.56 -7.01 -7.63
C THR A 331 -17.09 -7.99 -6.59
N ALA A 332 -16.45 -9.16 -6.47
CA ALA A 332 -16.96 -10.17 -5.54
C ALA A 332 -16.85 -9.74 -4.08
N PRO A 333 -15.71 -9.28 -3.56
CA PRO A 333 -15.70 -8.81 -2.17
C PRO A 333 -16.49 -7.54 -1.97
N THR A 334 -16.53 -6.69 -3.00
CA THR A 334 -17.23 -5.41 -2.90
C THR A 334 -18.72 -5.59 -2.67
N VAL A 335 -19.33 -6.55 -3.36
CA VAL A 335 -20.76 -6.78 -3.18
C VAL A 335 -21.06 -7.32 -1.80
N ARG A 336 -20.21 -8.22 -1.29
CA ARG A 336 -20.42 -8.75 0.05
C ARG A 336 -20.28 -7.67 1.11
N GLN A 337 -19.25 -6.83 0.99
CA GLN A 337 -19.05 -5.77 1.96
C GLN A 337 -20.14 -4.72 1.87
N TYR A 338 -20.62 -4.43 0.65
CA TYR A 338 -21.71 -3.47 0.49
C TYR A 338 -23.00 -4.00 1.10
N TYR A 339 -23.32 -5.26 0.86
CA TYR A 339 -24.51 -5.85 1.48
C TYR A 339 -24.39 -5.85 2.99
N ALA A 340 -23.21 -6.19 3.52
CA ALA A 340 -23.03 -6.20 4.97
C ALA A 340 -23.25 -4.82 5.56
N TYR A 341 -22.61 -3.80 5.00
CA TYR A 341 -22.77 -2.45 5.53
C TYR A 341 -24.21 -1.97 5.38
N LEU A 342 -24.86 -2.31 4.27
CA LEU A 342 -26.21 -1.80 4.05
C LEU A 342 -27.21 -2.42 5.00
N THR A 343 -27.11 -3.73 5.25
CA THR A 343 -28.14 -4.42 6.01
C THR A 343 -27.78 -4.67 7.47
N ASP A 344 -26.56 -5.10 7.76
CA ASP A 344 -26.17 -5.38 9.13
C ASP A 344 -26.14 -4.09 9.94
N THR A 345 -26.79 -4.11 11.10
CA THR A 345 -26.90 -2.89 11.90
C THR A 345 -25.67 -2.65 12.76
N GLN A 346 -24.87 -3.67 13.02
CA GLN A 346 -23.67 -3.55 13.84
C GLN A 346 -22.42 -3.26 13.03
N CYS A 347 -22.55 -3.13 11.71
CA CYS A 347 -21.40 -2.89 10.83
C CYS A 347 -21.30 -1.40 10.55
N LYS A 348 -20.60 -0.70 11.44
CA LYS A 348 -20.55 0.76 11.41
C LYS A 348 -19.43 1.31 10.55
N ARG A 349 -18.92 0.56 9.58
CA ARG A 349 -17.86 1.06 8.72
C ARG A 349 -17.86 0.32 7.40
N VAL A 350 -17.53 1.04 6.33
CA VAL A 350 -17.48 0.48 4.99
C VAL A 350 -16.15 -0.24 4.79
N GLY A 351 -16.21 -1.44 4.21
CA GLY A 351 -14.99 -2.18 3.94
C GLY A 351 -14.07 -1.41 3.02
N THR A 352 -12.78 -1.74 3.09
CA THR A 352 -11.80 -0.97 2.33
C THR A 352 -11.83 -1.34 0.85
N GLN A 353 -12.13 -2.60 0.54
CA GLN A 353 -12.26 -2.99 -0.86
C GLN A 353 -13.45 -2.31 -1.51
N CYS A 354 -14.55 -2.15 -0.77
CA CYS A 354 -15.69 -1.40 -1.30
C CYS A 354 -15.33 0.06 -1.50
N TRP A 355 -14.55 0.63 -0.58
CA TRP A 355 -14.07 2.01 -0.72
C TRP A 355 -13.26 2.17 -1.99
N VAL A 356 -12.32 1.26 -2.24
CA VAL A 356 -11.47 1.38 -3.41
C VAL A 356 -12.25 1.11 -4.69
N PHE A 357 -13.20 0.18 -4.65
CA PHE A 357 -14.05 -0.05 -5.82
C PHE A 357 -14.84 1.19 -6.17
N GLY A 358 -15.42 1.86 -5.17
CA GLY A 358 -16.16 3.08 -5.45
C GLY A 358 -15.28 4.19 -5.97
N VAL A 359 -14.10 4.37 -5.39
CA VAL A 359 -13.23 5.45 -5.83
C VAL A 359 -12.73 5.19 -7.24
N ILE A 360 -12.48 3.93 -7.60
CA ILE A 360 -12.10 3.60 -8.97
C ILE A 360 -13.26 3.85 -9.92
N GLY A 361 -14.47 3.46 -9.53
CA GLY A 361 -15.61 3.62 -10.41
C GLY A 361 -15.96 5.08 -10.65
N PHE A 362 -15.59 5.95 -9.71
CA PHE A 362 -15.83 7.38 -9.92
C PHE A 362 -14.67 8.05 -10.65
N LEU A 363 -13.44 7.62 -10.37
CA LEU A 363 -12.28 8.19 -11.05
C LEU A 363 -12.29 7.84 -12.53
N GLU A 364 -12.77 6.65 -12.89
CA GLU A 364 -12.87 6.31 -14.30
C GLU A 364 -13.89 7.18 -15.02
N ALA A 365 -14.98 7.54 -14.33
CA ALA A 365 -15.95 8.44 -14.94
C ALA A 365 -15.38 9.84 -15.09
N ILE A 366 -14.59 10.29 -14.11
CA ILE A 366 -13.94 11.58 -14.24
C ILE A 366 -12.94 11.57 -15.40
N VAL A 367 -12.25 10.44 -15.60
CA VAL A 367 -11.35 10.32 -16.74
C VAL A 367 -12.11 10.36 -18.05
N CYS A 368 -13.27 9.68 -18.11
CA CYS A 368 -14.08 9.69 -19.32
C CYS A 368 -14.58 11.09 -19.64
N ILE A 369 -14.90 11.87 -18.61
CA ILE A 369 -15.42 13.22 -18.85
C ILE A 369 -14.29 14.16 -19.23
N LYS A 370 -13.11 14.00 -18.64
CA LYS A 370 -12.00 14.92 -18.91
C LYS A 370 -11.44 14.72 -20.32
N PHE A 371 -11.21 13.47 -20.71
CA PHE A 371 -10.62 13.16 -22.01
C PHE A 371 -11.66 12.80 -23.06
N GLY A 372 -12.94 12.95 -22.75
CA GLY A 372 -13.98 12.54 -23.67
C GLY A 372 -14.73 13.67 -24.32
N GLN A 373 -14.04 14.78 -24.59
CA GLN A 373 -14.70 15.92 -25.21
C GLN A 373 -14.76 15.83 -26.73
N ASP A 374 -14.08 14.85 -27.32
CA ASP A 374 -14.08 14.68 -28.77
C ASP A 374 -15.04 13.60 -29.25
N LEU A 375 -15.83 13.01 -28.35
CA LEU A 375 -16.72 11.93 -28.76
C LEU A 375 -17.97 12.46 -29.44
N PHE A 376 -18.64 13.44 -28.83
CA PHE A 376 -19.94 13.88 -29.29
C PHE A 376 -19.89 15.37 -29.65
N SER A 377 -20.93 15.81 -30.35
CA SER A 377 -21.11 17.22 -30.68
C SER A 377 -21.87 17.93 -29.56
N LYS A 378 -22.31 19.15 -29.85
CA LYS A 378 -23.00 19.94 -28.85
C LYS A 378 -24.38 19.36 -28.54
N THR A 379 -25.06 18.82 -29.55
CA THR A 379 -26.41 18.29 -29.35
C THR A 379 -26.36 16.84 -28.88
N GLN A 380 -25.35 16.09 -29.30
CA GLN A 380 -25.26 14.69 -28.89
C GLN A 380 -24.95 14.56 -27.41
N ILE A 381 -24.21 15.53 -26.84
CA ILE A 381 -23.99 15.51 -25.39
C ILE A 381 -25.31 15.74 -24.66
N LEU A 382 -26.15 16.62 -25.19
CA LEU A 382 -27.48 16.83 -24.59
C LEU A 382 -28.32 15.56 -24.69
N TYR A 383 -28.22 14.85 -25.82
CA TYR A 383 -28.92 13.58 -25.95
C TYR A 383 -28.43 12.58 -24.92
N VAL A 384 -27.12 12.51 -24.72
CA VAL A 384 -26.55 11.60 -23.73
C VAL A 384 -27.05 11.94 -22.33
N VAL A 385 -27.11 13.23 -22.00
CA VAL A 385 -27.56 13.64 -20.67
C VAL A 385 -29.03 13.29 -20.48
N LEU A 386 -29.86 13.56 -21.49
CA LEU A 386 -31.26 13.20 -21.39
C LEU A 386 -31.45 11.69 -21.21
N TRP A 387 -30.69 10.90 -21.97
CA TRP A 387 -30.82 9.45 -21.84
C TRP A 387 -30.36 8.97 -20.48
N LEU A 388 -29.32 9.59 -19.92
CA LEU A 388 -28.86 9.16 -18.60
C LEU A 388 -29.86 9.53 -17.51
N LEU A 389 -30.51 10.69 -17.64
CA LEU A 389 -31.58 11.03 -16.72
C LEU A 389 -32.74 10.05 -16.84
N CYS A 390 -33.14 9.72 -18.07
CA CYS A 390 -34.22 8.75 -18.26
C CYS A 390 -33.85 7.39 -17.72
N VAL A 391 -32.58 7.01 -17.83
CA VAL A 391 -32.14 5.70 -17.34
C VAL A 391 -32.16 5.67 -15.82
N ALA A 392 -31.72 6.77 -15.17
CA ALA A 392 -31.82 6.83 -13.72
C ALA A 392 -33.27 6.76 -13.26
N PHE A 393 -34.16 7.47 -13.97
CA PHE A 393 -35.57 7.46 -13.58
C PHE A 393 -36.20 6.08 -13.78
N THR A 394 -35.84 5.40 -14.86
CA THR A 394 -36.36 4.05 -15.09
C THR A 394 -35.82 3.07 -14.06
N THR A 395 -34.55 3.21 -13.69
CA THR A 395 -33.98 2.39 -12.63
C THR A 395 -34.76 2.57 -11.33
N PHE A 396 -35.03 3.83 -10.96
CA PHE A 396 -35.80 4.06 -9.74
C PHE A 396 -37.20 3.49 -9.84
N LEU A 397 -37.84 3.63 -11.00
CA LEU A 397 -39.20 3.13 -11.16
C LEU A 397 -39.26 1.63 -11.00
N CYS A 398 -38.33 0.91 -11.63
CA CYS A 398 -38.37 -0.56 -11.52
C CYS A 398 -37.92 -1.02 -10.14
N LEU A 399 -37.05 -0.27 -9.46
CA LEU A 399 -36.72 -0.60 -8.08
C LEU A 399 -37.94 -0.43 -7.18
N TYR A 400 -38.69 0.65 -7.36
CA TYR A 400 -39.92 0.84 -6.59
C TYR A 400 -40.93 -0.26 -6.90
N GLY A 401 -41.02 -0.68 -8.17
CA GLY A 401 -41.89 -1.78 -8.50
C GLY A 401 -41.48 -3.08 -7.83
N MET A 402 -40.17 -3.33 -7.77
CA MET A 402 -39.67 -4.50 -7.05
C MET A 402 -40.04 -4.44 -5.58
N ILE A 403 -39.89 -3.28 -4.96
CA ILE A 403 -40.20 -3.16 -3.53
C ILE A 403 -41.68 -3.34 -3.29
N TRP A 404 -42.51 -2.81 -4.19
CA TRP A 404 -43.95 -2.98 -4.06
C TRP A 404 -44.35 -4.44 -4.20
N TYR A 405 -43.77 -5.14 -5.18
CA TYR A 405 -44.06 -6.56 -5.35
C TYR A 405 -43.58 -7.37 -4.16
N ALA A 406 -42.45 -6.98 -3.56
CA ALA A 406 -41.97 -7.69 -2.38
C ALA A 406 -42.87 -7.45 -1.18
N GLU A 407 -43.40 -6.23 -1.04
CA GLU A 407 -44.28 -5.93 0.08
C GLU A 407 -45.65 -6.59 -0.05
N HIS A 408 -46.21 -6.64 -1.27
CA HIS A 408 -47.57 -7.14 -1.44
C HIS A 408 -47.66 -8.54 -2.02
N TYR A 409 -46.54 -9.18 -2.33
CA TYR A 409 -46.56 -10.54 -2.86
C TYR A 409 -45.33 -11.32 -2.42
N LYS B 12 -4.13 -22.90 22.48
CA LYS B 12 -4.53 -21.54 22.82
C LYS B 12 -3.31 -20.63 22.96
N ASP B 13 -2.13 -21.19 22.70
CA ASP B 13 -0.92 -20.39 22.67
C ASP B 13 -0.85 -19.59 21.38
N ASP B 14 -1.55 -20.05 20.35
CA ASP B 14 -1.58 -19.30 19.09
C ASP B 14 -2.35 -18.00 19.24
N VAL B 15 -3.39 -18.01 20.07
CA VAL B 15 -4.12 -16.76 20.36
C VAL B 15 -3.20 -15.77 21.05
N ASN B 16 -2.39 -16.24 22.00
CA ASN B 16 -1.46 -15.35 22.68
C ASN B 16 -0.37 -14.86 21.73
N TYR B 17 0.05 -15.71 20.80
CA TYR B 17 1.04 -15.31 19.81
C TYR B 17 0.50 -14.19 18.92
N LYS B 18 -0.72 -14.37 18.39
CA LYS B 18 -1.28 -13.35 17.53
C LYS B 18 -1.58 -12.07 18.31
N MET B 19 -1.94 -12.17 19.59
CA MET B 19 -2.10 -10.97 20.39
C MET B 19 -0.79 -10.24 20.61
N HIS B 20 0.29 -10.98 20.89
CA HIS B 20 1.59 -10.36 21.08
C HIS B 20 2.14 -9.78 19.80
N PHE B 21 1.74 -10.29 18.64
CA PHE B 21 2.09 -9.61 17.41
C PHE B 21 1.24 -8.38 17.15
N ARG B 22 -0.06 -8.45 17.42
CA ARG B 22 -0.97 -7.33 17.22
C ARG B 22 -0.66 -6.18 18.16
N MET B 23 -0.02 -6.43 19.30
CA MET B 23 0.34 -5.34 20.19
C MET B 23 1.64 -4.65 19.86
N ILE B 24 2.49 -5.19 18.99
CA ILE B 24 3.66 -4.48 18.48
C ILE B 24 3.51 -4.11 17.01
N ASN B 25 2.45 -4.55 16.36
CA ASN B 25 2.22 -4.21 14.96
C ASN B 25 1.11 -3.19 14.78
N GLU B 26 -0.01 -3.35 15.48
CA GLU B 26 -1.10 -2.38 15.46
C GLU B 26 -1.54 -2.16 16.91
N GLN B 27 -0.87 -1.24 17.59
CA GLN B 27 -1.27 -0.91 18.96
C GLN B 27 -2.58 -0.14 18.94
N GLN B 28 -3.46 -0.46 19.88
CA GLN B 28 -4.77 0.16 19.97
C GLN B 28 -4.79 1.18 21.09
N VAL B 29 -5.56 2.25 20.90
CA VAL B 29 -5.62 3.30 21.90
C VAL B 29 -6.44 2.83 23.10
N GLU B 30 -5.95 3.16 24.29
CA GLU B 30 -6.64 2.84 25.53
C GLU B 30 -7.18 4.10 26.18
N ASP B 31 -8.32 3.96 26.86
CA ASP B 31 -8.93 5.05 27.61
C ASP B 31 -9.23 6.25 26.73
N ILE B 32 -10.12 6.03 25.76
CA ILE B 32 -10.52 7.09 24.83
C ILE B 32 -11.61 7.93 25.48
N THR B 33 -11.36 9.24 25.60
CA THR B 33 -12.33 10.17 26.15
C THR B 33 -12.97 11.05 25.08
N ILE B 34 -12.17 11.76 24.29
CA ILE B 34 -12.68 12.54 23.17
C ILE B 34 -12.78 11.58 21.99
N ASP B 35 -13.97 11.00 21.80
CA ASP B 35 -14.16 9.97 20.79
C ASP B 35 -14.24 10.54 19.38
N PHE B 36 -14.18 11.86 19.22
CA PHE B 36 -14.25 12.45 17.88
C PHE B 36 -12.98 12.18 17.10
N PHE B 37 -11.85 12.06 17.79
CA PHE B 37 -10.57 11.90 17.10
C PHE B 37 -10.40 10.49 16.57
N TYR B 38 -11.23 9.55 17.00
CA TYR B 38 -10.98 8.14 16.73
C TYR B 38 -12.11 7.44 15.97
N ARG B 39 -13.20 8.13 15.69
CA ARG B 39 -14.27 7.51 14.90
C ARG B 39 -13.97 7.66 13.42
N PRO B 40 -14.03 6.58 12.64
CA PRO B 40 -13.75 6.70 11.21
C PRO B 40 -14.89 7.36 10.45
N HIS B 41 -14.53 8.09 9.40
CA HIS B 41 -15.49 8.80 8.55
C HIS B 41 -15.11 8.53 7.10
N THR B 42 -14.96 7.25 6.76
CA THR B 42 -14.37 6.85 5.48
C THR B 42 -15.21 7.30 4.29
N ILE B 43 -16.53 7.44 4.46
CA ILE B 43 -17.35 7.88 3.33
C ILE B 43 -17.16 9.38 3.08
N THR B 44 -16.98 10.16 4.15
CA THR B 44 -16.63 11.56 3.98
C THR B 44 -15.26 11.70 3.32
N LEU B 45 -14.33 10.81 3.67
CA LEU B 45 -13.03 10.81 3.02
C LEU B 45 -13.16 10.47 1.54
N LEU B 46 -14.05 9.53 1.20
CA LEU B 46 -14.28 9.19 -0.20
C LEU B 46 -14.88 10.36 -0.97
N SER B 47 -15.87 11.04 -0.37
CA SER B 47 -16.47 12.19 -1.03
C SER B 47 -15.44 13.31 -1.21
N PHE B 48 -14.61 13.54 -0.20
CA PHE B 48 -13.55 14.54 -0.33
C PHE B 48 -12.59 14.18 -1.45
N THR B 49 -12.16 12.91 -1.50
CA THR B 49 -11.26 12.47 -2.55
C THR B 49 -11.86 12.73 -3.93
N ILE B 50 -13.10 12.30 -4.14
CA ILE B 50 -13.71 12.41 -5.46
C ILE B 50 -13.91 13.87 -5.84
N VAL B 51 -14.39 14.69 -4.89
CA VAL B 51 -14.65 16.10 -5.21
C VAL B 51 -13.35 16.84 -5.48
N SER B 52 -12.28 16.52 -4.74
CA SER B 52 -11.01 17.20 -4.96
C SER B 52 -10.40 16.81 -6.30
N LEU B 53 -10.41 15.51 -6.63
CA LEU B 53 -9.88 15.09 -7.92
C LEU B 53 -10.73 15.64 -9.06
N MET B 54 -12.04 15.79 -8.84
CA MET B 54 -12.90 16.43 -9.83
C MET B 54 -12.51 17.88 -10.05
N TYR B 55 -12.31 18.63 -8.95
CA TYR B 55 -11.91 20.03 -9.05
C TYR B 55 -10.59 20.17 -9.78
N PHE B 56 -9.63 19.29 -9.50
CA PHE B 56 -8.34 19.40 -10.17
C PHE B 56 -8.42 18.99 -11.63
N ALA B 57 -9.15 17.94 -11.94
CA ALA B 57 -9.27 17.49 -13.32
C ALA B 57 -9.95 18.55 -14.17
N PHE B 58 -10.99 19.20 -13.65
CA PHE B 58 -11.83 20.04 -14.49
C PHE B 58 -11.44 21.52 -14.50
N THR B 59 -10.54 21.95 -13.61
CA THR B 59 -10.17 23.36 -13.53
C THR B 59 -8.69 23.63 -13.74
N ARG B 60 -7.82 22.66 -13.52
CA ARG B 60 -6.39 22.88 -13.65
C ARG B 60 -6.01 23.02 -15.12
N ASP B 61 -5.03 23.88 -15.39
CA ASP B 61 -4.49 24.08 -16.72
C ASP B 61 -3.32 23.11 -16.92
N ASP B 62 -3.50 22.15 -17.82
CA ASP B 62 -2.54 21.09 -18.03
C ASP B 62 -1.79 21.23 -19.37
N SER B 63 -1.47 22.46 -19.77
CA SER B 63 -0.80 22.67 -21.05
C SER B 63 0.70 22.43 -20.94
N VAL B 64 1.26 22.50 -19.73
CA VAL B 64 2.69 22.30 -19.51
C VAL B 64 2.89 20.86 -19.04
N PRO B 65 3.59 20.01 -19.81
CA PRO B 65 3.65 18.59 -19.45
C PRO B 65 4.53 18.29 -18.24
N GLU B 66 5.65 18.99 -18.06
CA GLU B 66 6.50 18.73 -16.91
C GLU B 66 5.77 19.02 -15.60
N ASP B 67 5.01 20.11 -15.57
CA ASP B 67 4.20 20.42 -14.40
C ASP B 67 3.13 19.36 -14.19
N ASN B 68 2.58 18.81 -15.28
CA ASN B 68 1.60 17.74 -15.16
C ASN B 68 2.20 16.52 -14.50
N ILE B 69 3.41 16.13 -14.92
CA ILE B 69 4.06 14.96 -14.33
C ILE B 69 4.38 15.21 -12.86
N TRP B 70 4.85 16.42 -12.53
CA TRP B 70 5.19 16.73 -11.14
C TRP B 70 3.95 16.70 -10.24
N ARG B 71 2.87 17.37 -10.68
CA ARG B 71 1.64 17.35 -9.90
C ARG B 71 1.07 15.95 -9.78
N GLY B 72 1.15 15.16 -10.85
CA GLY B 72 0.67 13.79 -10.77
C GLY B 72 1.44 12.96 -9.76
N ILE B 73 2.76 13.13 -9.71
CA ILE B 73 3.56 12.41 -8.72
C ILE B 73 3.17 12.84 -7.31
N LEU B 74 3.07 14.14 -7.07
CA LEU B 74 2.71 14.63 -5.74
C LEU B 74 1.34 14.11 -5.31
N SER B 75 0.39 14.04 -6.25
CA SER B 75 -0.95 13.59 -5.89
C SER B 75 -0.99 12.09 -5.66
N VAL B 76 -0.24 11.32 -6.45
CA VAL B 76 -0.12 9.90 -6.17
C VAL B 76 0.42 9.67 -4.76
N ILE B 77 1.41 10.47 -4.36
CA ILE B 77 1.96 10.34 -3.01
C ILE B 77 0.90 10.68 -1.96
N PHE B 78 0.19 11.78 -2.15
CA PHE B 78 -0.84 12.20 -1.19
C PHE B 78 -1.91 11.14 -1.02
N PHE B 79 -2.41 10.60 -2.13
CA PHE B 79 -3.51 9.65 -2.02
C PHE B 79 -3.02 8.26 -1.60
N PHE B 80 -1.74 7.96 -1.80
CA PHE B 80 -1.20 6.75 -1.18
C PHE B 80 -1.09 6.91 0.32
N LEU B 81 -0.80 8.12 0.79
CA LEU B 81 -0.85 8.36 2.23
C LEU B 81 -2.26 8.24 2.77
N ILE B 82 -3.26 8.64 1.98
CA ILE B 82 -4.66 8.43 2.38
C ILE B 82 -4.98 6.94 2.47
N ILE B 83 -4.56 6.17 1.46
CA ILE B 83 -4.76 4.72 1.50
C ILE B 83 -4.04 4.12 2.70
N SER B 84 -2.87 4.67 3.06
CA SER B 84 -2.15 4.21 4.23
C SER B 84 -2.94 4.45 5.50
N VAL B 85 -3.46 5.66 5.66
CA VAL B 85 -4.31 5.98 6.81
C VAL B 85 -5.49 5.02 6.89
N LEU B 86 -6.01 4.61 5.72
CA LEU B 86 -7.14 3.68 5.72
C LEU B 86 -6.72 2.28 6.16
N ALA B 87 -5.71 1.70 5.50
CA ALA B 87 -5.49 0.26 5.55
C ALA B 87 -4.12 -0.20 6.03
N PHE B 88 -3.24 0.70 6.46
CA PHE B 88 -1.92 0.22 6.78
C PHE B 88 -1.74 0.04 8.28
N PRO B 89 -0.77 -0.79 8.71
CA PRO B 89 -0.58 -1.02 10.14
C PRO B 89 -0.04 0.20 10.87
N ASN B 90 -0.28 0.24 12.18
CA ASN B 90 0.01 1.43 12.97
C ASN B 90 1.39 1.37 13.61
N GLY B 91 1.78 0.20 14.11
CA GLY B 91 3.04 0.06 14.80
C GLY B 91 2.86 0.01 16.29
N PRO B 92 3.95 0.03 17.05
CA PRO B 92 3.85 -0.01 18.51
C PRO B 92 3.40 1.29 19.13
N PHE B 93 3.18 2.34 18.33
CA PHE B 93 2.94 3.68 18.83
C PHE B 93 1.51 4.11 18.54
N THR B 94 0.91 4.82 19.49
CA THR B 94 -0.43 5.39 19.33
C THR B 94 -0.46 6.85 19.74
N ARG B 95 0.62 7.58 19.50
CA ARG B 95 0.71 8.96 19.92
C ARG B 95 1.61 9.72 18.95
N PRO B 96 1.22 10.93 18.52
CA PRO B 96 0.03 11.71 18.86
C PRO B 96 -1.26 11.12 18.33
N HIS B 97 -1.17 10.33 17.25
CA HIS B 97 -2.31 9.66 16.68
C HIS B 97 -1.79 8.51 15.84
N PRO B 98 -2.48 7.37 15.81
CA PRO B 98 -2.02 6.25 14.99
C PRO B 98 -1.98 6.55 13.50
N ALA B 99 -2.76 7.52 13.03
CA ALA B 99 -2.79 7.83 11.60
C ALA B 99 -1.46 8.40 11.13
N LEU B 100 -0.78 9.16 11.98
CA LEU B 100 0.53 9.68 11.62
C LEU B 100 1.51 8.55 11.36
N TRP B 101 1.47 7.51 12.19
CA TRP B 101 2.40 6.40 12.01
C TRP B 101 1.99 5.51 10.85
N ARG B 102 0.70 5.43 10.56
CA ARG B 102 0.27 4.77 9.32
C ARG B 102 0.81 5.49 8.09
N MET B 103 0.76 6.83 8.11
CA MET B 103 1.27 7.59 6.98
C MET B 103 2.80 7.46 6.86
N VAL B 104 3.49 7.38 8.01
CA VAL B 104 4.93 7.13 7.98
C VAL B 104 5.24 5.77 7.37
N PHE B 105 4.44 4.76 7.72
CA PHE B 105 4.63 3.45 7.11
C PHE B 105 4.38 3.50 5.60
N GLY B 106 3.36 4.23 5.18
CA GLY B 106 3.13 4.39 3.75
C GLY B 106 4.28 5.05 3.03
N LEU B 107 4.87 6.07 3.65
CA LEU B 107 6.07 6.69 3.07
C LEU B 107 7.22 5.70 2.95
N SER B 108 7.40 4.86 3.98
CA SER B 108 8.46 3.86 3.91
C SER B 108 8.22 2.87 2.78
N VAL B 109 6.97 2.48 2.56
CA VAL B 109 6.65 1.57 1.46
C VAL B 109 6.92 2.23 0.11
N LEU B 110 6.56 3.52 -0.02
CA LEU B 110 6.86 4.24 -1.25
C LEU B 110 8.36 4.30 -1.52
N TYR B 111 9.16 4.53 -0.47
CA TYR B 111 10.61 4.57 -0.64
C TYR B 111 11.17 3.21 -1.02
N PHE B 112 10.63 2.15 -0.43
CA PHE B 112 11.02 0.79 -0.81
C PHE B 112 10.75 0.53 -2.29
N LEU B 113 9.58 0.92 -2.78
CA LEU B 113 9.27 0.70 -4.19
C LEU B 113 10.12 1.58 -5.09
N PHE B 114 10.44 2.79 -4.63
CA PHE B 114 11.35 3.66 -5.38
C PHE B 114 12.71 3.00 -5.56
N LEU B 115 13.24 2.39 -4.50
CA LEU B 115 14.54 1.72 -4.61
C LEU B 115 14.45 0.48 -5.51
N VAL B 116 13.35 -0.27 -5.40
CA VAL B 116 13.16 -1.43 -6.28
C VAL B 116 13.18 -0.98 -7.75
N PHE B 117 12.50 0.12 -8.05
CA PHE B 117 12.54 0.65 -9.41
C PHE B 117 13.95 1.08 -9.80
N LEU B 118 14.65 1.77 -8.89
CA LEU B 118 15.99 2.26 -9.19
C LEU B 118 16.95 1.14 -9.50
N LEU B 119 16.74 -0.05 -8.93
CA LEU B 119 17.68 -1.15 -9.15
C LEU B 119 17.64 -1.70 -10.56
N PHE B 120 16.74 -1.23 -11.43
CA PHE B 120 16.65 -1.80 -12.77
C PHE B 120 17.15 -0.83 -13.83
N LEU B 121 17.25 0.45 -13.49
CA LEU B 121 17.79 1.43 -14.43
C LEU B 121 19.31 1.36 -14.46
N ASN B 122 19.90 1.97 -15.50
CA ASN B 122 21.34 2.07 -15.53
C ASN B 122 21.77 3.44 -14.99
N PHE B 123 23.08 3.63 -14.89
CA PHE B 123 23.60 4.80 -14.19
C PHE B 123 23.15 6.09 -14.85
N GLU B 124 23.12 6.14 -16.18
CA GLU B 124 22.72 7.36 -16.87
C GLU B 124 21.25 7.67 -16.61
N GLN B 125 20.41 6.65 -16.53
CA GLN B 125 18.99 6.89 -16.27
C GLN B 125 18.76 7.40 -14.86
N VAL B 126 19.48 6.87 -13.88
CA VAL B 126 19.34 7.32 -12.50
C VAL B 126 19.88 8.74 -12.34
N LYS B 127 21.00 9.03 -13.01
CA LYS B 127 21.51 10.39 -12.96
C LYS B 127 20.55 11.37 -13.63
N SER B 128 19.92 10.96 -14.73
CA SER B 128 18.93 11.84 -15.37
C SER B 128 17.71 12.04 -14.49
N LEU B 129 17.31 11.00 -13.76
CA LEU B 129 16.22 11.15 -12.80
C LEU B 129 16.57 12.17 -11.71
N MET B 130 17.77 12.06 -11.15
CA MET B 130 18.19 12.99 -10.11
C MET B 130 18.34 14.40 -10.67
N TYR B 131 18.72 14.52 -11.93
CA TYR B 131 18.84 15.85 -12.55
C TYR B 131 17.47 16.44 -12.84
N TRP B 132 16.48 15.59 -13.08
CA TRP B 132 15.12 16.09 -13.25
C TRP B 132 14.55 16.55 -11.92
N LEU B 133 14.83 15.83 -10.83
CA LEU B 133 14.34 16.25 -9.53
C LEU B 133 15.02 17.54 -9.08
N ASP B 134 16.31 17.70 -9.39
CA ASP B 134 17.07 18.89 -9.05
C ASP B 134 17.86 19.34 -10.27
N PRO B 135 17.39 20.36 -10.99
CA PRO B 135 18.10 20.76 -12.21
C PRO B 135 19.52 21.25 -11.95
N ASN B 136 19.82 21.69 -10.73
CA ASN B 136 21.16 22.17 -10.42
C ASN B 136 22.11 21.07 -9.99
N LEU B 137 21.72 19.80 -10.13
CA LEU B 137 22.60 18.71 -9.74
C LEU B 137 23.70 18.48 -10.76
N ARG B 138 23.48 18.87 -12.01
CA ARG B 138 24.49 18.65 -13.05
C ARG B 138 25.77 19.40 -12.77
N TYR B 139 25.68 20.57 -12.14
CA TYR B 139 26.83 21.45 -11.93
C TYR B 139 27.20 21.51 -10.45
N ALA B 140 27.11 20.38 -9.76
CA ALA B 140 27.44 20.30 -8.34
C ALA B 140 28.88 19.80 -8.19
N THR B 141 29.64 20.48 -7.34
CA THR B 141 31.03 20.12 -7.08
C THR B 141 31.12 18.90 -6.18
N ASN B 152 45.58 23.50 6.72
CA ASN B 152 45.34 24.66 7.57
C ASN B 152 44.57 24.25 8.82
N CYS B 153 45.09 23.26 9.55
CA CYS B 153 44.44 22.77 10.75
C CYS B 153 45.29 22.97 12.00
N HIS B 154 46.61 23.09 11.86
CA HIS B 154 47.45 23.37 13.02
C HIS B 154 47.24 24.78 13.54
N VAL B 155 46.45 25.58 12.83
CA VAL B 155 46.15 26.96 13.22
C VAL B 155 44.70 27.05 13.67
N ILE B 156 44.18 25.96 14.23
CA ILE B 156 42.78 25.90 14.62
C ILE B 156 42.49 26.82 15.80
N THR B 157 41.92 27.98 15.52
CA THR B 157 41.59 28.97 16.54
C THR B 157 40.42 28.45 17.37
N TRP B 158 40.30 28.99 18.57
CA TRP B 158 39.22 28.63 19.49
C TRP B 158 37.84 28.91 18.89
N GLU B 159 37.76 29.91 18.00
CA GLU B 159 36.46 30.31 17.47
C GLU B 159 36.08 29.57 16.20
N ARG B 160 37.07 29.17 15.38
CA ARG B 160 36.73 28.32 14.25
C ARG B 160 36.25 26.95 14.72
N ILE B 161 36.48 26.62 15.99
CA ILE B 161 35.91 25.41 16.57
C ILE B 161 34.40 25.55 16.73
N ILE B 162 33.95 26.66 17.32
CA ILE B 162 32.52 26.89 17.46
C ILE B 162 31.89 27.19 16.11
N SER B 163 32.70 27.57 15.13
CA SER B 163 32.18 27.73 13.78
C SER B 163 31.73 26.39 13.20
N HIS B 164 32.27 25.29 13.70
CA HIS B 164 31.90 23.97 13.18
C HIS B 164 30.45 23.63 13.47
N PHE B 165 29.92 24.12 14.59
CA PHE B 165 28.54 23.83 14.95
C PHE B 165 27.58 24.51 13.98
N ASP B 166 26.82 23.71 13.25
CA ASP B 166 25.88 24.20 12.26
C ASP B 166 24.51 23.61 12.56
N ILE B 167 23.57 23.79 11.63
CA ILE B 167 22.27 23.15 11.77
C ILE B 167 22.41 21.64 11.65
N PHE B 168 23.44 21.18 10.93
CA PHE B 168 23.66 19.75 10.81
C PHE B 168 24.30 19.17 12.06
N ALA B 169 25.06 19.98 12.79
CA ALA B 169 25.51 19.56 14.12
C ALA B 169 24.33 19.45 15.07
N PHE B 170 23.38 20.38 14.97
CA PHE B 170 22.12 20.28 15.70
C PHE B 170 21.40 18.97 15.37
N GLY B 171 21.37 18.62 14.09
CA GLY B 171 20.74 17.38 13.68
C GLY B 171 21.44 16.15 14.22
N HIS B 172 22.78 16.14 14.18
CA HIS B 172 23.54 15.04 14.77
C HIS B 172 23.24 14.90 16.26
N PHE B 173 23.28 16.01 16.99
CA PHE B 173 23.00 15.99 18.42
C PHE B 173 21.63 15.39 18.70
N TRP B 174 20.60 15.87 18.01
CA TRP B 174 19.25 15.42 18.33
C TRP B 174 18.98 14.01 17.82
N GLY B 175 19.62 13.61 16.73
CA GLY B 175 19.51 12.24 16.28
C GLY B 175 20.14 11.27 17.25
N TRP B 176 21.31 11.62 17.80
CA TRP B 176 21.91 10.76 18.79
C TRP B 176 21.13 10.75 20.09
N ALA B 177 20.49 11.88 20.43
CA ALA B 177 19.62 11.91 21.59
C ALA B 177 18.44 10.94 21.42
N MET B 178 17.79 10.99 20.26
CA MET B 178 16.68 10.07 20.00
C MET B 178 17.15 8.62 20.00
N LYS B 179 18.30 8.35 19.38
CA LYS B 179 18.80 6.98 19.35
C LYS B 179 19.12 6.47 20.75
N ALA B 180 19.78 7.28 21.57
CA ALA B 180 20.07 6.87 22.93
C ALA B 180 18.81 6.74 23.76
N LEU B 181 17.76 7.48 23.41
CA LEU B 181 16.48 7.32 24.09
C LEU B 181 15.86 5.96 23.77
N LEU B 182 15.90 5.56 22.50
CA LEU B 182 15.25 4.31 22.11
C LEU B 182 16.10 3.07 22.41
N ILE B 183 17.42 3.20 22.42
CA ILE B 183 18.28 2.04 22.61
C ILE B 183 18.50 1.76 24.09
N ARG B 184 18.60 2.81 24.91
CA ARG B 184 18.88 2.68 26.33
C ARG B 184 20.15 1.89 26.60
N SER B 185 21.29 2.40 26.11
CA SER B 185 22.57 1.79 26.36
C SER B 185 23.68 2.79 26.06
N TYR B 186 24.55 3.04 27.04
CA TYR B 186 25.75 3.80 26.75
C TYR B 186 26.70 2.99 25.88
N GLY B 187 26.74 1.67 26.09
CA GLY B 187 27.70 0.84 25.38
C GLY B 187 27.42 0.77 23.90
N LEU B 188 26.20 0.40 23.52
CA LEU B 188 25.85 0.28 22.11
C LEU B 188 26.01 1.62 21.39
N CYS B 189 25.52 2.68 22.01
CA CYS B 189 25.55 3.99 21.36
C CYS B 189 26.98 4.50 21.21
N TRP B 190 27.80 4.36 22.25
CA TRP B 190 29.18 4.80 22.14
C TRP B 190 29.97 3.95 21.16
N THR B 191 29.68 2.65 21.11
CA THR B 191 30.33 1.77 20.14
C THR B 191 30.03 2.22 18.73
N ILE B 192 28.75 2.38 18.40
CA ILE B 192 28.39 2.77 17.04
C ILE B 192 28.94 4.15 16.72
N SER B 193 28.88 5.08 17.69
CA SER B 193 29.44 6.41 17.48
C SER B 193 30.91 6.35 17.11
N ILE B 194 31.73 5.73 17.95
CA ILE B 194 33.17 5.70 17.71
C ILE B 194 33.49 4.99 16.41
N THR B 195 32.87 3.83 16.18
CA THR B 195 33.20 3.05 14.99
C THR B 195 32.80 3.78 13.72
N TRP B 196 31.63 4.42 13.71
CA TRP B 196 31.21 5.13 12.50
C TRP B 196 32.03 6.38 12.28
N GLU B 197 32.40 7.10 13.34
CA GLU B 197 33.24 8.28 13.14
C GLU B 197 34.60 7.89 12.58
N LEU B 198 35.18 6.79 13.07
CA LEU B 198 36.45 6.33 12.54
C LEU B 198 36.31 5.87 11.09
N THR B 199 35.21 5.17 10.77
CA THR B 199 34.99 4.73 9.40
C THR B 199 34.84 5.91 8.46
N GLU B 200 34.09 6.94 8.88
CA GLU B 200 33.91 8.12 8.06
C GLU B 200 35.23 8.84 7.84
N LEU B 201 36.05 8.97 8.89
CA LEU B 201 37.37 9.57 8.73
C LEU B 201 38.22 8.78 7.75
N PHE B 202 38.19 7.45 7.85
CA PHE B 202 38.98 6.62 6.95
C PHE B 202 38.54 6.80 5.50
N PHE B 203 37.22 6.80 5.26
CA PHE B 203 36.74 6.94 3.90
C PHE B 203 37.02 8.33 3.36
N MET B 204 36.98 9.35 4.21
CA MET B 204 37.33 10.68 3.75
C MET B 204 38.80 10.77 3.41
N HIS B 205 39.66 10.02 4.12
CA HIS B 205 41.06 9.96 3.73
C HIS B 205 41.23 9.20 2.41
N LEU B 206 40.37 8.21 2.16
CA LEU B 206 40.47 7.43 0.94
C LEU B 206 40.07 8.25 -0.28
N LEU B 207 38.84 8.77 -0.29
CA LEU B 207 38.41 9.71 -1.32
C LEU B 207 39.30 10.95 -1.22
N PRO B 208 39.46 11.73 -2.30
CA PRO B 208 40.32 12.92 -2.21
C PRO B 208 39.83 13.89 -1.15
N ASN B 209 38.62 14.41 -1.34
CA ASN B 209 37.84 15.05 -0.28
C ASN B 209 38.50 16.31 0.29
N PHE B 210 39.72 16.62 -0.15
CA PHE B 210 40.55 17.62 0.51
C PHE B 210 40.53 17.39 2.03
N ALA B 211 40.70 16.14 2.44
CA ALA B 211 40.41 15.72 3.80
C ALA B 211 41.49 16.12 4.79
N GLU B 212 41.69 17.42 5.00
CA GLU B 212 42.51 17.90 6.09
C GLU B 212 41.66 18.08 7.33
N CYS B 213 42.28 18.50 8.44
CA CYS B 213 41.57 18.85 9.67
C CYS B 213 40.72 17.71 10.19
N TRP B 214 41.38 16.64 10.63
CA TRP B 214 40.70 15.44 11.13
C TRP B 214 40.42 15.52 12.62
N TRP B 215 40.51 16.71 13.19
CA TRP B 215 40.26 16.92 14.62
C TRP B 215 38.83 17.40 14.84
N ASP B 216 38.04 17.40 13.77
CA ASP B 216 36.66 17.83 13.82
C ASP B 216 35.74 16.62 13.68
N GLN B 217 36.33 15.43 13.70
CA GLN B 217 35.56 14.20 13.54
C GLN B 217 35.81 13.24 14.69
N VAL B 218 37.03 13.26 15.24
CA VAL B 218 37.37 12.31 16.30
C VAL B 218 37.25 12.96 17.67
N ILE B 219 37.10 14.28 17.70
CA ILE B 219 37.05 15.04 18.95
C ILE B 219 35.77 15.86 19.06
N LEU B 220 35.54 16.78 18.12
CA LEU B 220 34.37 17.63 18.19
C LEU B 220 33.10 16.86 17.88
N ASP B 221 33.22 15.77 17.12
CA ASP B 221 32.04 15.04 16.69
C ASP B 221 31.74 13.85 17.60
N ILE B 222 32.76 13.31 18.26
CA ILE B 222 32.55 12.19 19.17
C ILE B 222 32.20 12.68 20.56
N LEU B 223 32.99 13.62 21.09
CA LEU B 223 32.89 14.00 22.49
C LEU B 223 31.82 15.05 22.77
N LEU B 224 31.42 15.83 21.78
CA LEU B 224 30.48 16.93 22.02
C LEU B 224 29.12 16.69 21.39
N CYS B 225 29.05 16.41 20.09
CA CYS B 225 27.75 16.16 19.48
C CYS B 225 27.24 14.78 19.85
N ASN B 226 27.98 13.73 19.50
CA ASN B 226 27.54 12.37 19.78
C ASN B 226 27.49 12.10 21.28
N GLY B 227 28.53 12.48 22.01
CA GLY B 227 28.57 12.20 23.43
C GLY B 227 27.48 12.93 24.21
N GLY B 228 27.34 14.24 23.96
CA GLY B 228 26.28 14.99 24.62
C GLY B 228 24.90 14.53 24.23
N GLY B 229 24.73 14.15 22.96
CA GLY B 229 23.44 13.61 22.54
C GLY B 229 23.10 12.32 23.25
N ILE B 230 24.07 11.42 23.38
CA ILE B 230 23.83 10.16 24.07
C ILE B 230 23.53 10.41 25.55
N TRP B 231 24.26 11.34 26.17
CA TRP B 231 24.00 11.68 27.57
C TRP B 231 22.58 12.20 27.76
N LEU B 232 22.16 13.14 26.91
CA LEU B 232 20.81 13.69 27.03
C LEU B 232 19.76 12.61 26.79
N GLY B 233 19.98 11.77 25.79
CA GLY B 233 19.01 10.71 25.53
C GLY B 233 18.88 9.76 26.70
N MET B 234 20.00 9.40 27.32
CA MET B 234 19.95 8.46 28.44
C MET B 234 19.30 9.10 29.67
N VAL B 235 19.56 10.38 29.90
CA VAL B 235 18.92 11.07 31.02
C VAL B 235 17.41 11.12 30.82
N VAL B 236 16.96 11.52 29.62
CA VAL B 236 15.54 11.59 29.35
C VAL B 236 14.91 10.21 29.39
N CYS B 237 15.65 9.18 28.98
CA CYS B 237 15.10 7.83 29.01
C CYS B 237 14.91 7.35 30.44
N ARG B 238 15.89 7.60 31.31
CA ARG B 238 15.74 7.23 32.71
C ARG B 238 14.58 7.99 33.36
N PHE B 239 14.45 9.28 33.03
CA PHE B 239 13.32 10.05 33.53
C PHE B 239 11.99 9.45 33.09
N LEU B 240 11.86 9.12 31.80
CA LEU B 240 10.62 8.56 31.28
C LEU B 240 10.34 7.19 31.87
N GLU B 241 11.39 6.45 32.25
CA GLU B 241 11.17 5.16 32.87
C GLU B 241 10.68 5.30 34.30
N MET B 242 11.22 6.27 35.04
CA MET B 242 10.87 6.36 36.46
C MET B 242 9.49 6.97 36.67
N ARG B 243 9.04 7.82 35.76
CA ARG B 243 7.83 8.60 36.00
C ARG B 243 6.58 7.73 35.94
N THR B 244 5.50 8.24 36.51
CA THR B 244 4.21 7.56 36.56
C THR B 244 3.22 8.32 35.69
N TYR B 245 2.56 7.60 34.79
CA TYR B 245 1.72 8.19 33.76
C TYR B 245 0.26 8.13 34.19
N HIS B 246 -0.33 9.29 34.47
CA HIS B 246 -1.75 9.41 34.75
C HIS B 246 -2.30 10.50 33.85
N TRP B 247 -3.16 10.12 32.90
CA TRP B 247 -3.65 11.01 31.87
C TRP B 247 -5.11 11.32 32.10
N ALA B 248 -5.39 12.51 32.61
CA ALA B 248 -6.76 12.99 32.71
C ALA B 248 -7.23 13.49 31.35
N SER B 249 -8.55 13.47 31.15
CA SER B 249 -9.10 13.88 29.88
C SER B 249 -8.89 15.38 29.65
N PHE B 250 -8.88 15.78 28.38
CA PHE B 250 -8.76 17.19 28.05
C PHE B 250 -10.00 17.95 28.48
N LYS B 251 -11.15 17.26 28.54
CA LYS B 251 -12.38 17.92 28.96
C LYS B 251 -12.35 18.28 30.44
N ASP B 252 -11.89 17.37 31.29
CA ASP B 252 -12.09 17.52 32.73
C ASP B 252 -11.17 18.58 33.32
N ILE B 253 -10.16 19.03 32.58
CA ILE B 253 -9.28 20.07 33.09
C ILE B 253 -10.08 21.35 33.26
N HIS B 254 -10.05 21.92 34.47
CA HIS B 254 -10.86 23.09 34.75
C HIS B 254 -10.23 24.36 34.18
N THR B 255 -8.94 24.55 34.40
CA THR B 255 -8.26 25.76 33.97
C THR B 255 -7.87 25.70 32.50
N THR B 256 -7.24 26.78 32.02
CA THR B 256 -6.80 26.81 30.63
C THR B 256 -5.35 26.38 30.51
N THR B 257 -4.51 26.73 31.48
CA THR B 257 -3.12 26.29 31.46
C THR B 257 -3.02 24.78 31.49
N GLY B 258 -3.84 24.13 32.31
CA GLY B 258 -3.87 22.68 32.32
C GLY B 258 -4.33 22.10 30.99
N LYS B 259 -5.29 22.76 30.35
CA LYS B 259 -5.77 22.29 29.07
C LYS B 259 -4.67 22.33 28.01
N ILE B 260 -3.96 23.46 27.91
CA ILE B 260 -2.90 23.55 26.91
C ILE B 260 -1.74 22.63 27.28
N LYS B 261 -1.53 22.41 28.58
CA LYS B 261 -0.49 21.47 29.00
C LYS B 261 -0.83 20.06 28.54
N ARG B 262 -2.09 19.65 28.69
CA ARG B 262 -2.50 18.33 28.21
C ARG B 262 -2.41 18.23 26.70
N ALA B 263 -2.82 19.29 26.00
CA ALA B 263 -2.75 19.27 24.54
C ALA B 263 -1.31 19.19 24.06
N VAL B 264 -0.36 19.74 24.83
CA VAL B 264 1.04 19.65 24.45
C VAL B 264 1.61 18.28 24.81
N LEU B 265 1.20 17.72 25.95
CA LEU B 265 1.64 16.38 26.33
C LEU B 265 1.05 15.30 25.44
N GLN B 266 0.01 15.61 24.67
CA GLN B 266 -0.51 14.66 23.70
C GLN B 266 0.52 14.30 22.64
N PHE B 267 1.63 15.02 22.56
CA PHE B 267 2.71 14.73 21.63
C PHE B 267 3.91 14.09 22.32
N THR B 268 3.70 13.46 23.45
CA THR B 268 4.71 12.77 24.23
C THR B 268 4.30 11.32 24.45
N PRO B 269 5.22 10.44 24.84
CA PRO B 269 4.84 9.04 25.07
C PRO B 269 3.85 8.90 26.21
N ALA B 270 2.89 7.99 26.03
CA ALA B 270 1.91 7.72 27.07
C ALA B 270 2.42 6.71 28.08
N SER B 271 3.30 5.80 27.65
CA SER B 271 3.92 4.83 28.52
C SER B 271 5.32 4.55 27.99
N TRP B 272 6.18 4.03 28.85
CA TRP B 272 7.56 3.79 28.46
C TRP B 272 7.96 2.36 28.79
N THR B 273 8.69 1.74 27.86
CA THR B 273 9.14 0.37 28.00
C THR B 273 10.46 0.32 28.74
N TYR B 274 10.64 -0.73 29.54
CA TYR B 274 11.91 -0.96 30.22
C TYR B 274 12.79 -1.83 29.33
N VAL B 275 13.85 -1.24 28.78
CA VAL B 275 14.69 -1.88 27.77
C VAL B 275 15.87 -2.55 28.46
N ARG B 276 16.10 -3.82 28.13
CA ARG B 276 17.24 -4.57 28.62
C ARG B 276 17.68 -5.51 27.51
N TRP B 277 18.82 -5.22 26.89
CA TRP B 277 19.26 -6.02 25.75
C TRP B 277 19.91 -7.31 26.21
N PHE B 278 20.63 -7.28 27.32
CA PHE B 278 21.40 -8.41 27.81
C PHE B 278 20.77 -8.95 29.09
N ASP B 279 20.36 -10.20 29.07
CA ASP B 279 19.94 -10.91 30.26
C ASP B 279 21.16 -11.28 31.09
N PRO B 280 20.97 -11.76 32.33
CA PRO B 280 22.12 -12.28 33.08
C PRO B 280 22.89 -13.34 32.33
N LYS B 281 22.21 -14.40 31.88
CA LYS B 281 22.81 -15.43 31.04
C LYS B 281 22.03 -15.50 29.75
N SER B 282 22.58 -14.92 28.69
CA SER B 282 21.88 -14.71 27.44
C SER B 282 22.23 -15.80 26.43
N SER B 283 21.25 -16.20 25.64
CA SER B 283 21.44 -17.25 24.66
C SER B 283 22.35 -16.79 23.53
N PHE B 284 22.69 -17.72 22.64
CA PHE B 284 23.43 -17.37 21.44
C PHE B 284 22.55 -16.59 20.47
N GLN B 285 21.25 -16.89 20.47
CA GLN B 285 20.32 -16.15 19.62
C GLN B 285 20.25 -14.69 20.02
N ARG B 286 20.29 -14.41 21.32
CA ARG B 286 20.25 -13.03 21.81
C ARG B 286 21.48 -12.26 21.35
N VAL B 287 22.66 -12.81 21.56
CA VAL B 287 23.89 -12.16 21.16
C VAL B 287 23.92 -11.95 19.65
N ALA B 288 23.47 -12.95 18.89
CA ALA B 288 23.47 -12.83 17.44
C ALA B 288 22.49 -11.78 16.96
N GLY B 289 21.34 -11.67 17.63
CA GLY B 289 20.38 -10.66 17.26
C GLY B 289 20.86 -9.25 17.56
N VAL B 290 21.54 -9.07 18.70
CA VAL B 290 22.10 -7.76 19.01
C VAL B 290 23.21 -7.40 18.03
N TYR B 291 24.05 -8.38 17.67
CA TYR B 291 25.10 -8.13 16.69
C TYR B 291 24.53 -7.75 15.34
N LEU B 292 23.48 -8.45 14.90
CA LEU B 292 22.81 -8.10 13.66
C LEU B 292 22.22 -6.70 13.73
N PHE B 293 21.63 -6.34 14.87
CA PHE B 293 21.12 -4.99 15.06
C PHE B 293 22.20 -3.94 14.82
N MET B 294 23.37 -4.14 15.46
CA MET B 294 24.44 -3.16 15.32
C MET B 294 25.00 -3.13 13.90
N ILE B 295 25.05 -4.29 13.24
CA ILE B 295 25.53 -4.33 11.86
C ILE B 295 24.60 -3.58 10.94
N ILE B 296 23.28 -3.76 11.10
CA ILE B 296 22.34 -3.02 10.25
C ILE B 296 22.38 -1.53 10.58
N TRP B 297 22.62 -1.18 11.84
CA TRP B 297 22.79 0.23 12.20
C TRP B 297 23.96 0.85 11.43
N GLN B 298 25.13 0.21 11.49
CA GLN B 298 26.28 0.75 10.78
C GLN B 298 26.08 0.70 9.27
N LEU B 299 25.29 -0.25 8.78
CA LEU B 299 24.99 -0.32 7.35
C LEU B 299 24.13 0.87 6.92
N THR B 300 23.12 1.22 7.71
CA THR B 300 22.34 2.41 7.39
C THR B 300 23.16 3.68 7.52
N GLU B 301 24.20 3.66 8.36
CA GLU B 301 25.11 4.80 8.39
C GLU B 301 25.95 4.87 7.12
N LEU B 302 26.39 3.72 6.60
CA LEU B 302 27.19 3.71 5.37
C LEU B 302 26.36 4.11 4.16
N ASN B 303 25.08 3.74 4.14
CA ASN B 303 24.24 4.02 2.98
C ASN B 303 24.18 5.49 2.68
N THR B 304 24.02 6.33 3.70
CA THR B 304 23.91 7.77 3.48
C THR B 304 25.19 8.34 2.88
N PHE B 305 26.33 8.03 3.51
CA PHE B 305 27.63 8.47 3.03
C PHE B 305 27.83 8.09 1.57
N PHE B 306 27.59 6.82 1.24
CA PHE B 306 27.89 6.35 -0.10
C PHE B 306 26.92 6.89 -1.12
N LEU B 307 25.63 6.99 -0.79
CA LEU B 307 24.68 7.57 -1.73
C LEU B 307 24.95 9.04 -1.98
N LYS B 308 25.43 9.75 -0.96
CA LYS B 308 25.78 11.15 -1.13
C LYS B 308 27.07 11.32 -1.91
N HIS B 309 27.92 10.30 -1.94
CA HIS B 309 29.17 10.45 -2.70
C HIS B 309 29.03 9.91 -4.13
N ILE B 310 28.14 8.95 -4.36
CA ILE B 310 27.95 8.43 -5.72
C ILE B 310 27.45 9.54 -6.63
N PHE B 311 26.26 10.04 -6.35
CA PHE B 311 25.74 11.26 -6.96
C PHE B 311 26.09 12.41 -6.02
N VAL B 312 26.45 13.55 -6.58
CA VAL B 312 27.02 14.57 -5.72
C VAL B 312 25.88 15.34 -5.07
N PHE B 313 25.33 14.77 -3.99
CA PHE B 313 24.18 15.36 -3.33
C PHE B 313 24.62 16.48 -2.38
N GLN B 314 23.81 17.53 -2.33
CA GLN B 314 24.04 18.66 -1.45
C GLN B 314 23.25 18.47 -0.17
N ALA B 315 23.89 18.79 0.96
CA ALA B 315 23.26 18.50 2.26
C ALA B 315 22.14 19.47 2.58
N SER B 316 21.99 20.52 1.78
CA SER B 316 20.99 21.53 2.09
C SER B 316 19.71 21.33 1.28
N HIS B 317 19.75 20.46 0.29
CA HIS B 317 18.57 20.26 -0.55
C HIS B 317 17.47 19.58 0.27
N PRO B 318 16.21 19.96 0.05
CA PRO B 318 15.12 19.39 0.87
C PRO B 318 15.07 17.88 0.87
N LEU B 319 15.41 17.22 -0.23
CA LEU B 319 15.36 15.76 -0.24
C LEU B 319 16.50 15.17 0.57
N SER B 320 17.64 15.85 0.60
CA SER B 320 18.80 15.34 1.34
C SER B 320 18.51 15.22 2.82
N TRP B 321 18.10 16.31 3.47
CA TRP B 321 17.83 16.23 4.90
C TRP B 321 16.44 15.67 5.18
N GLY B 322 15.53 15.77 4.22
CA GLY B 322 14.23 15.15 4.40
C GLY B 322 14.32 13.64 4.49
N ARG B 323 15.21 13.04 3.67
CA ARG B 323 15.40 11.60 3.72
C ARG B 323 16.01 11.17 5.06
N ILE B 324 16.90 12.00 5.61
CA ILE B 324 17.50 11.68 6.90
C ILE B 324 16.48 11.80 8.02
N LEU B 325 15.65 12.85 7.99
CA LEU B 325 14.58 12.97 8.97
C LEU B 325 13.60 11.80 8.85
N PHE B 326 13.31 11.36 7.64
CA PHE B 326 12.36 10.26 7.45
C PHE B 326 12.95 8.94 7.96
N ILE B 327 14.24 8.71 7.73
CA ILE B 327 14.87 7.51 8.26
C ILE B 327 14.90 7.56 9.78
N GLY B 328 15.18 8.73 10.35
CA GLY B 328 15.13 8.87 11.80
C GLY B 328 13.73 8.71 12.35
N GLY B 329 12.71 8.99 11.52
CA GLY B 329 11.35 8.78 11.95
C GLY B 329 10.95 7.32 11.95
N ILE B 330 11.25 6.60 10.86
CA ILE B 330 10.94 5.17 10.82
C ILE B 330 11.88 4.35 11.69
N THR B 331 12.94 4.95 12.23
CA THR B 331 13.81 4.24 13.15
C THR B 331 13.14 4.02 14.50
N ALA B 332 12.25 4.93 14.91
CA ALA B 332 11.64 4.81 16.22
C ALA B 332 10.74 3.58 16.36
N PRO B 333 9.78 3.31 15.46
CA PRO B 333 9.01 2.07 15.61
C PRO B 333 9.83 0.83 15.34
N THR B 334 10.82 0.94 14.46
CA THR B 334 11.65 -0.21 14.09
C THR B 334 12.43 -0.74 15.29
N VAL B 335 12.98 0.16 16.11
CA VAL B 335 13.74 -0.29 17.27
C VAL B 335 12.84 -0.95 18.29
N ARG B 336 11.64 -0.41 18.50
CA ARG B 336 10.71 -1.03 19.44
C ARG B 336 10.27 -2.40 18.97
N GLN B 337 9.94 -2.54 17.69
CA GLN B 337 9.51 -3.83 17.17
C GLN B 337 10.66 -4.83 17.16
N TYR B 338 11.89 -4.37 16.88
CA TYR B 338 13.04 -5.26 16.91
C TYR B 338 13.32 -5.75 18.32
N TYR B 339 13.27 -4.85 19.30
CA TYR B 339 13.46 -5.27 20.69
C TYR B 339 12.38 -6.25 21.12
N ALA B 340 11.12 -5.98 20.74
CA ALA B 340 10.03 -6.88 21.10
C ALA B 340 10.25 -8.27 20.53
N TYR B 341 10.53 -8.36 19.23
CA TYR B 341 10.74 -9.67 18.61
C TYR B 341 11.96 -10.36 19.19
N LEU B 342 13.03 -9.62 19.48
CA LEU B 342 14.25 -10.25 19.97
C LEU B 342 14.07 -10.81 21.37
N THR B 343 13.40 -10.08 22.25
CA THR B 343 13.36 -10.47 23.66
C THR B 343 12.07 -11.16 24.07
N ASP B 344 10.91 -10.66 23.64
CA ASP B 344 9.64 -11.26 24.03
C ASP B 344 9.52 -12.65 23.42
N THR B 345 9.18 -13.64 24.24
CA THR B 345 9.13 -15.02 23.77
C THR B 345 7.81 -15.34 23.07
N GLN B 346 6.76 -14.56 23.32
CA GLN B 346 5.46 -14.80 22.71
C GLN B 346 5.26 -14.02 21.42
N CYS B 347 6.26 -13.27 20.98
CA CYS B 347 6.16 -12.46 19.76
C CYS B 347 6.77 -13.23 18.60
N LYS B 348 5.95 -14.06 17.96
CA LYS B 348 6.42 -14.99 16.95
C LYS B 348 6.43 -14.41 15.54
N ARG B 349 6.48 -13.08 15.38
CA ARG B 349 6.51 -12.50 14.05
C ARG B 349 7.14 -11.12 14.12
N VAL B 350 7.86 -10.77 13.06
CA VAL B 350 8.54 -9.49 12.95
C VAL B 350 7.55 -8.43 12.48
N GLY B 351 7.57 -7.27 13.14
CA GLY B 351 6.69 -6.19 12.73
C GLY B 351 6.94 -5.77 11.30
N THR B 352 5.92 -5.18 10.69
CA THR B 352 6.02 -4.84 9.26
C THR B 352 6.90 -3.62 9.04
N GLN B 353 6.89 -2.68 9.98
CA GLN B 353 7.77 -1.53 9.87
C GLN B 353 9.23 -1.94 9.98
N CYS B 354 9.53 -2.91 10.84
CA CYS B 354 10.89 -3.43 10.93
C CYS B 354 11.28 -4.15 9.65
N TRP B 355 10.33 -4.89 9.05
CA TRP B 355 10.56 -5.55 7.77
C TRP B 355 10.92 -4.53 6.69
N VAL B 356 10.15 -3.45 6.60
CA VAL B 356 10.40 -2.45 5.56
C VAL B 356 11.68 -1.68 5.83
N PHE B 357 11.98 -1.40 7.10
CA PHE B 357 13.25 -0.76 7.43
C PHE B 357 14.43 -1.61 7.00
N GLY B 358 14.37 -2.91 7.28
CA GLY B 358 15.45 -3.79 6.86
C GLY B 358 15.59 -3.89 5.36
N VAL B 359 14.46 -4.00 4.64
CA VAL B 359 14.53 -4.14 3.20
C VAL B 359 15.06 -2.85 2.57
N ILE B 360 14.71 -1.69 3.13
CA ILE B 360 15.25 -0.42 2.64
C ILE B 360 16.74 -0.34 2.93
N GLY B 361 17.17 -0.74 4.13
CA GLY B 361 18.56 -0.64 4.48
C GLY B 361 19.44 -1.57 3.65
N PHE B 362 18.86 -2.65 3.14
CA PHE B 362 19.64 -3.54 2.27
C PHE B 362 19.56 -3.11 0.81
N LEU B 363 18.41 -2.60 0.37
CA LEU B 363 18.29 -2.14 -1.00
C LEU B 363 19.16 -0.92 -1.26
N GLU B 364 19.33 -0.05 -0.26
CA GLU B 364 20.21 1.09 -0.43
C GLU B 364 21.66 0.65 -0.58
N ALA B 365 22.05 -0.41 0.14
CA ALA B 365 23.41 -0.93 -0.03
C ALA B 365 23.59 -1.57 -1.39
N ILE B 366 22.56 -2.25 -1.89
CA ILE B 366 22.65 -2.81 -3.24
C ILE B 366 22.75 -1.69 -4.28
N VAL B 367 22.05 -0.59 -4.05
CA VAL B 367 22.15 0.57 -4.95
C VAL B 367 23.55 1.16 -4.90
N CYS B 368 24.12 1.26 -3.70
CA CYS B 368 25.48 1.80 -3.57
C CYS B 368 26.50 0.91 -4.27
N ILE B 369 26.28 -0.41 -4.25
CA ILE B 369 27.23 -1.31 -4.89
C ILE B 369 27.06 -1.31 -6.40
N LYS B 370 25.81 -1.20 -6.87
CA LYS B 370 25.57 -1.25 -8.31
C LYS B 370 26.06 0.00 -9.02
N PHE B 371 25.75 1.18 -8.47
CA PHE B 371 26.12 2.45 -9.08
C PHE B 371 27.38 3.04 -8.51
N GLY B 372 28.09 2.30 -7.64
CA GLY B 372 29.26 2.85 -6.98
C GLY B 372 30.57 2.28 -7.46
N GLN B 373 30.66 1.96 -8.75
CA GLN B 373 31.89 1.39 -9.28
C GLN B 373 32.90 2.45 -9.69
N ASP B 374 32.52 3.73 -9.68
CA ASP B 374 33.42 4.81 -10.05
C ASP B 374 34.02 5.52 -8.85
N LEU B 375 33.76 5.05 -7.63
CA LEU B 375 34.26 5.74 -6.46
C LEU B 375 35.73 5.43 -6.21
N PHE B 376 36.10 4.15 -6.22
CA PHE B 376 37.43 3.73 -5.82
C PHE B 376 38.13 3.00 -6.95
N SER B 377 39.43 2.82 -6.79
CA SER B 377 40.25 2.05 -7.71
C SER B 377 40.23 0.58 -7.32
N LYS B 378 41.14 -0.19 -7.94
CA LYS B 378 41.20 -1.62 -7.67
C LYS B 378 41.73 -1.90 -6.26
N THR B 379 42.67 -1.09 -5.79
CA THR B 379 43.26 -1.32 -4.47
C THR B 379 42.43 -0.66 -3.38
N GLN B 380 41.78 0.46 -3.70
CA GLN B 380 40.99 1.15 -2.69
C GLN B 380 39.76 0.34 -2.31
N ILE B 381 39.21 -0.43 -3.25
CA ILE B 381 38.09 -1.32 -2.90
C ILE B 381 38.55 -2.40 -1.94
N LEU B 382 39.76 -2.92 -2.14
CA LEU B 382 40.32 -3.88 -1.20
C LEU B 382 40.52 -3.26 0.17
N TYR B 383 40.98 -2.01 0.20
CA TYR B 383 41.11 -1.31 1.48
C TYR B 383 39.77 -1.16 2.17
N VAL B 384 38.72 -0.82 1.41
CA VAL B 384 37.38 -0.69 1.97
C VAL B 384 36.91 -2.01 2.54
N VAL B 385 37.16 -3.11 1.83
CA VAL B 385 36.71 -4.42 2.29
C VAL B 385 37.46 -4.81 3.57
N LEU B 386 38.77 -4.58 3.60
CA LEU B 386 39.53 -4.88 4.81
C LEU B 386 39.03 -4.06 6.00
N TRP B 387 38.75 -2.77 5.78
CA TRP B 387 38.28 -1.94 6.88
C TRP B 387 36.90 -2.38 7.35
N LEU B 388 36.04 -2.82 6.43
CA LEU B 388 34.72 -3.26 6.85
C LEU B 388 34.79 -4.56 7.63
N LEU B 389 35.69 -5.46 7.24
CA LEU B 389 35.91 -6.67 8.03
C LEU B 389 36.44 -6.32 9.42
N CYS B 390 37.41 -5.41 9.49
CA CYS B 390 37.94 -5.02 10.79
C CYS B 390 36.88 -4.34 11.64
N VAL B 391 35.98 -3.58 11.01
CA VAL B 391 34.92 -2.91 11.75
C VAL B 391 33.91 -3.91 12.30
N ALA B 392 33.55 -4.92 11.49
CA ALA B 392 32.68 -5.98 12.00
C ALA B 392 33.32 -6.71 13.16
N PHE B 393 34.62 -7.00 13.05
CA PHE B 393 35.30 -7.73 14.11
C PHE B 393 35.39 -6.89 15.39
N THR B 394 35.65 -5.59 15.25
CA THR B 394 35.70 -4.72 16.41
C THR B 394 34.33 -4.58 17.06
N THR B 395 33.28 -4.49 16.24
CA THR B 395 31.92 -4.47 16.77
C THR B 395 31.64 -5.72 17.60
N PHE B 396 31.99 -6.89 17.06
CA PHE B 396 31.77 -8.12 17.80
C PHE B 396 32.59 -8.13 19.10
N LEU B 397 33.84 -7.67 19.04
CA LEU B 397 34.69 -7.68 20.23
C LEU B 397 34.11 -6.81 21.33
N CYS B 398 33.67 -5.60 20.98
CA CYS B 398 33.14 -4.73 22.02
C CYS B 398 31.76 -5.18 22.50
N LEU B 399 30.98 -5.84 21.63
CA LEU B 399 29.73 -6.44 22.10
C LEU B 399 30.01 -7.56 23.10
N TYR B 400 30.99 -8.41 22.82
CA TYR B 400 31.36 -9.45 23.75
C TYR B 400 31.88 -8.87 25.07
N GLY B 401 32.64 -7.77 24.98
CA GLY B 401 33.07 -7.11 26.19
C GLY B 401 31.92 -6.55 27.01
N MET B 402 30.92 -5.99 26.33
CA MET B 402 29.72 -5.52 27.02
C MET B 402 29.01 -6.67 27.72
N ILE B 403 28.88 -7.80 27.05
CA ILE B 403 28.18 -8.94 27.63
C ILE B 403 28.96 -9.48 28.83
N TRP B 404 30.28 -9.50 28.72
CA TRP B 404 31.11 -9.96 29.84
C TRP B 404 30.98 -9.03 31.03
N TYR B 405 31.01 -7.71 30.79
CA TYR B 405 30.84 -6.75 31.88
C TYR B 405 29.46 -6.85 32.50
N ALA B 406 28.45 -7.14 31.69
CA ALA B 406 27.10 -7.30 32.23
C ALA B 406 26.99 -8.55 33.07
N GLU B 407 27.65 -9.63 32.65
CA GLU B 407 27.60 -10.88 33.41
C GLU B 407 28.38 -10.81 34.71
N HIS B 408 29.54 -10.15 34.72
CA HIS B 408 30.39 -10.16 35.90
C HIS B 408 30.38 -8.86 36.69
N TYR B 409 29.61 -7.86 36.28
CA TYR B 409 29.53 -6.61 37.03
C TYR B 409 28.16 -5.97 36.87
C P5S C . -19.43 -15.92 1.15
N P5S C . -19.15 -15.70 3.53
O P5S C . -19.03 -16.14 -0.02
C1 P5S C . -15.51 -16.70 -3.50
C2 P5S C . -15.04 -17.76 -2.49
C3 P5S C . -15.02 -17.12 -1.12
CA P5S C . -18.43 -15.82 2.29
CB P5S C . -17.57 -17.07 2.33
OG P5S C . -16.67 -17.03 1.27
P12 P5S C . -15.40 -18.06 1.31
O13 P5S C . -14.42 -17.61 2.36
O15 P5S C . -15.89 -19.44 1.66
O16 P5S C . -14.67 -18.10 -0.17
C17 P5S C . -17.40 -16.08 -4.74
O18 P5S C . -17.68 -15.12 -4.12
O19 P5S C . -16.69 -17.14 -4.11
C20 P5S C . -17.82 -16.19 -6.24
C21 P5S C . -16.65 -16.59 -7.15
C22 P5S C . -16.23 -15.46 -8.10
C23 P5S C . -14.77 -15.60 -8.53
C24 P5S C . -14.24 -14.35 -9.22
C25 P5S C . -12.79 -14.03 -8.80
C26 P5S C . -11.91 -13.60 -9.99
C27 P5S C . -10.54 -13.01 -9.54
C28 P5S C . -9.63 -12.67 -10.73
C29 P5S C . -8.56 -11.59 -10.41
C30 P5S C . -7.31 -11.77 -11.27
C31 P5S C . -6.92 -10.50 -12.03
C32 P5S C . -5.74 -10.70 -12.98
C33 P5S C . -6.13 -10.51 -14.43
O37 P5S C . -13.75 -18.17 -2.83
C38 P5S C . -13.64 -18.79 -4.12
C39 P5S C . -12.70 -18.19 -5.20
C40 P5S C . -12.22 -19.25 -6.21
C41 P5S C . -11.80 -18.61 -7.56
C42 P5S C . -10.59 -19.33 -8.22
C43 P5S C . -9.25 -18.57 -7.98
C44 P5S C . -8.01 -19.49 -8.23
C45 P5S C . -6.68 -18.67 -8.41
C46 P5S C . -5.51 -19.26 -7.55
O47 P5S C . -14.26 -19.77 -4.37
C48 P5S C . -4.13 -19.08 -8.23
OXT P5S C . -20.65 -15.77 1.38
C P5S D . -10.72 -24.39 5.47
N P5S D . -10.32 -24.71 7.83
O P5S D . -11.93 -24.72 5.69
C1 P5S D . -4.73 -24.47 2.18
C2 P5S D . -5.58 -25.72 2.46
C3 P5S D . -5.58 -25.96 3.96
CA P5S D . -9.81 -24.06 6.63
CB P5S D . -8.41 -24.59 6.33
OG P5S D . -8.44 -25.98 6.41
P12 P5S D . -7.12 -26.81 5.91
O13 P5S D . -7.38 -28.29 6.07
O15 P5S D . -5.92 -26.40 6.72
O16 P5S D . -6.84 -26.48 4.32
C17 P5S D . -4.86 -23.75 -0.10
O18 P5S D . -5.02 -24.75 -0.72
O19 P5S D . -5.38 -23.64 1.23
C20 P5S D . -4.10 -22.58 -0.77
C21 P5S D . -4.00 -22.76 -2.29
C22 P5S D . -2.94 -21.85 -2.92
C23 P5S D . -3.08 -20.40 -2.46
C24 P5S D . -1.75 -19.67 -2.38
O37 P5S D . -4.99 -26.82 1.82
C38 P5S D . -5.85 -27.89 1.45
C39 P5S D . -5.80 -28.43 -0.01
C40 P5S D . -4.38 -28.32 -0.60
C41 P5S D . -4.41 -28.25 -2.15
C42 P5S D . -3.76 -26.97 -2.70
C43 P5S D . -3.19 -27.16 -4.13
C44 P5S D . -2.94 -25.80 -4.87
O47 P5S D . -6.59 -28.38 2.22
OXT P5S D . -10.28 -24.34 4.30
C1 LBN E . -27.99 3.15 4.37
N1 LBN E . -25.46 1.06 9.17
P1 LBN E . -27.89 3.37 6.99
C2 LBN E . -27.06 4.06 3.58
C3 LBN E . -25.78 3.32 3.30
C4 LBN E . -19.89 -0.33 -4.71
C5 LBN E . -28.21 9.72 -8.36
C6 LBN E . -25.49 1.50 7.78
O1 LBN E . -27.34 2.74 5.56
C7 LBN E . -21.07 -0.79 -5.59
C8 LBN E . -28.63 9.24 -9.77
C9 LBN E . -25.41 3.02 7.60
O2 LBN E . -26.63 3.57 8.01
C10 LBN E . -20.78 -2.13 -6.26
C11 LBN E . -28.65 10.44 -10.74
C12 LBN E . -26.81 0.86 9.64
O3 LBN E . -28.56 4.70 6.76
C13 LBN E . -21.58 -2.33 -7.54
C14 LBN E . -27.95 10.11 -12.08
C15 LBN E . -24.75 1.99 10.02
O4 LBN E . -28.89 2.41 7.61
C16 LBN E . -20.94 -3.37 -8.47
C17 LBN E . -28.07 11.26 -13.09
C18 LBN E . -24.76 -0.21 9.21
C19 LBN E . -21.97 -4.37 -8.96
C20 LBN E . -26.99 11.17 -14.17
C21 LBN E . -21.47 -5.16 -10.16
C22 LBN E . -27.04 12.33 -15.14
C23 LBN E . -25.76 12.42 -15.97
C24 LBN E . -25.84 13.48 -17.04
C25 LBN E . -24.12 3.19 1.67
O5 LBN E . -25.43 3.57 1.98
C26 LBN E . -23.21 4.12 0.85
O6 LBN E . -23.72 2.14 2.03
C27 LBN E . -21.72 3.78 1.06
C28 LBN E . -21.09 3.20 -0.22
C29 LBN E . -19.98 4.08 -0.79
C30 LBN E . -18.87 3.23 -1.41
C31 LBN E . -19.05 3.08 -2.93
C32 LBN E . -18.88 1.61 -3.38
C33 LBN E . -20.01 1.17 -4.34
C34 LBN E . -27.80 5.74 2.02
O7 LBN E . -27.68 4.36 2.34
C35 LBN E . -27.52 6.19 0.56
O8 LBN E . -28.11 6.52 2.84
C36 LBN E . -28.20 7.52 0.19
C37 LBN E . -27.55 8.15 -1.05
C38 LBN E . -28.50 8.23 -2.25
C39 LBN E . -27.75 8.52 -3.56
C40 LBN E . -28.67 8.59 -4.77
C41 LBN E . -28.03 9.46 -5.90
C42 LBN E . -28.46 8.96 -7.29
C11 A1AIS F . 1.98 -20.79 1.68
C12 A1AIS F . 3.31 -20.53 2.41
C14 A1AIS F . 1.93 -18.81 3.69
C16 A1AIS F . 0.79 -16.94 5.00
C19 A1AIS F . 0.67 -14.66 5.48
C20 A1AIS F . 1.59 -13.72 6.25
C21 A1AIS F . 0.76 -12.66 6.94
O22 A1AIS F . -0.57 -13.08 6.96
O35 A1AIS F . -3.40 -7.04 8.47
C39 A1AIS F . 3.58 -13.93 5.07
C41 A1AIS F . 3.76 -14.57 3.70
C44 A1AIS F . 6.45 -16.70 2.13
C45 A1AIS F . 7.42 -17.81 2.51
C47 A1AIS F . 8.54 -17.00 0.36
C48 A1AIS F . 9.83 -17.08 -0.46
C49 A1AIS F . 9.93 -18.39 -1.25
C28 A1AIS F . -2.75 -10.29 10.12
C29 A1AIS F . -2.76 -8.77 9.97
C10 A1AIS F . 2.11 -21.87 0.62
C13 A1AIS F . 3.13 -19.75 3.72
C15 A1AIS F . 1.72 -18.15 5.06
C27 A1AIS F . -1.85 -10.93 9.07
C30 A1AIS F . -3.46 -8.42 8.66
C31 A1AIS F . -2.82 -9.11 7.46
C32 A1AIS F . -1.75 -10.16 7.75
C42 A1AIS F . 5.22 -14.95 3.46
C43 A1AIS F . 5.40 -16.44 3.20
C46 A1AIS F . 8.48 -18.07 1.45
O17 A1AIS F . 0.00 -16.83 4.13
O18 A1AIS F . 0.88 -15.96 5.97
O24 A1AIS F . -0.25 -13.58 9.47
O25 A1AIS F . -2.05 -14.72 8.28
O26 A1AIS F . -2.34 -12.22 8.82
O33 A1AIS F . -0.52 -9.51 7.71
O34 A1AIS F . -2.24 -8.13 6.64
O36 A1AIS F . -3.47 -8.21 11.05
O37 A1AIS F . -2.27 -10.61 11.40
O38 A1AIS F . 2.48 -13.13 5.35
O40 A1AIS F . 4.38 -14.14 5.91
P23 A1AIS F . -1.30 -13.42 8.40
C05 6OU G . -15.83 -21.48 -13.40
C06 6OU G . -15.99 -20.96 -14.83
C07 6OU G . -14.79 -20.13 -15.27
C08 6OU G . -15.08 -19.31 -16.54
C09 6OU G . -14.13 -18.12 -16.70
C10 6OU G . -14.76 -16.99 -17.57
C11 6OU G . -13.92 -16.72 -18.83
C12 6OU G . -14.03 -15.25 -19.30
C13 6OU G . -13.79 -15.09 -20.82
C14 6OU G . -12.83 -13.92 -21.14
C15 6OU G . -13.47 -12.93 -22.14
C16 6OU G . -13.55 -11.51 -21.53
O17 6OU G . -13.01 -11.29 -20.50
O18 6OU G . -14.26 -10.48 -22.20
C19 6OU G . -14.80 -9.52 -21.29
C20 6OU G . -16.32 -9.74 -21.19
C21 6OU G . -16.92 -9.48 -22.57
O22 6OU G . -17.56 -8.22 -22.54
P23 6OU G . -16.80 -6.90 -23.23
O24 6OU G . -15.35 -7.22 -23.48
O25 6OU G . -16.91 -5.72 -22.30
O26 6OU G . -17.52 -6.51 -24.68
C27 6OU G . -16.73 -5.89 -25.66
C28 6OU G . -17.49 -5.95 -26.99
N29 6OU G . -16.56 -6.05 -28.11
O30 6OU G . -16.87 -8.85 -20.28
C31 6OU G . -17.26 -9.38 -19.03
O32 6OU G . -18.12 -8.86 -18.40
C33 6OU G . -16.59 -10.65 -18.48
C34 6OU G . -16.37 -10.60 -16.96
C35 6OU G . -15.52 -11.78 -16.46
C36 6OU G . -15.67 -12.02 -14.96
C37 6OU G . -14.77 -13.18 -14.48
C38 6OU G . -15.38 -13.93 -13.30
C39 6OU G . -16.17 -15.17 -13.75
C40 6OU G . -15.57 -16.42 -13.11
C41 6OU G . -16.37 -17.30 -12.49
C42 6OU G . -17.87 -17.05 -12.41
C43 6OU G . -18.60 -18.36 -12.02
C44 6OU G . -19.40 -18.21 -10.71
C45 6OU G . -20.41 -19.34 -10.50
C46 6OU G . -21.45 -19.43 -11.61
CA CA H . -23.60 -5.94 -24.59
C10 A1AIT I . -7.02 0.08 -21.16
C11 A1AIT I . -6.70 1.07 -20.03
C12 A1AIT I . -5.82 0.38 -18.99
C13 A1AIT I . -4.64 0.93 -18.53
C14 A1AIT I . -3.90 0.26 -17.58
C20 A1AIT I . -0.76 0.06 -12.58
C26 A1AIT I . 1.16 -1.21 -17.02
C30 A1AIT I . -1.30 -1.46 -16.55
C34 A1AIT I . -8.07 2.15 -18.15
C38 A1AIT I . -8.60 4.52 -17.64
C43 A1AIT I . -2.53 -0.41 -23.91
C44 A1AIT I . -3.60 -0.92 -24.66
C02 A1AIT I . -5.02 -1.81 -26.25
C04 A1AIT I . -4.86 -1.00 -24.10
C05 A1AIT I . -5.07 -0.58 -22.78
C06 A1AIT I . -6.49 -0.66 -22.24
C09 A1AIT I . -8.34 -0.27 -21.06
C15 A1AIT I . -4.34 -0.96 -17.09
C17 A1AIT I . -2.39 -1.33 -15.72
C18 A1AIT I . -2.22 -0.85 -14.42
C19 A1AIT I . -0.96 -0.48 -13.99
C24 A1AIT I . 0.12 -0.59 -14.83
C25 A1AIT I . -0.06 -1.08 -16.11
C31 A1AIT I . -5.53 -1.50 -17.55
C32 A1AIT I . -6.26 -0.83 -18.49
C35 A1AIT I . -7.74 3.60 -18.49
C39 A1AIT I . -8.95 0.48 -19.88
C41 A1AIT I . -4.02 -0.05 -22.03
C42 A1AIT I . -2.74 0.02 -22.61
F21 A1AIT I . 0.34 0.87 -12.53
F22 A1AIT I . -1.86 0.77 -12.20
F23 A1AIT I . -0.60 -0.99 -11.72
F27 A1AIT I . 0.76 -1.62 -18.26
F28 A1AIT I . 2.00 -2.15 -16.50
F29 A1AIT I . 1.78 -0.01 -17.09
F36 A1AIT I . -6.43 3.84 -18.20
F37 A1AIT I . -7.96 3.83 -19.81
N07 A1AIT I . -7.48 -1.39 -22.77
N08 A1AIT I . -8.61 -1.14 -22.02
N33 A1AIT I . -7.92 1.30 -19.31
N45 A1AIT I . -3.68 -1.43 -26.01
O01 A1AIT I . -5.44 -2.27 -27.25
O03 A1AIT I . -5.76 -1.55 -25.10
O16 A1AIT I . -3.67 -1.72 -16.12
O40 A1AIT I . -10.07 0.40 -19.52
C1 LBN J . 13.96 -18.65 10.10
N1 LBN J . 8.46 -15.05 11.42
P1 LBN J . 11.48 -18.09 9.44
C2 LBN J . 14.83 -17.61 9.39
C3 LBN J . 16.07 -17.42 10.23
C4 LBN J . 19.93 -10.28 3.87
C6 LBN J . 9.15 -15.34 10.18
O1 LBN J . 12.77 -18.00 10.48
C7 LBN J . 20.72 -11.13 2.86
C9 LBN J . 10.50 -15.95 10.43
O2 LBN J . 10.86 -16.60 9.24
C10 LBN J . 21.70 -10.28 2.06
C12 LBN J . 7.14 -14.56 11.09
O3 LBN J . 11.91 -18.64 8.10
C13 LBN J . 23.14 -10.75 2.19
C15 LBN J . 8.37 -16.25 12.23
O4 LBN J . 10.43 -18.99 10.03
C18 LBN J . 9.21 -14.02 12.12
C25 LBN J . 16.84 -16.35 12.16
O5 LBN J . 15.74 -16.64 11.34
C26 LBN J . 17.46 -14.94 12.15
O6 LBN J . 17.30 -17.18 12.85
C27 LBN J . 18.11 -14.58 10.80
C28 LBN J . 17.56 -13.26 10.25
C29 LBN J . 18.50 -12.58 9.26
C30 LBN J . 17.85 -12.45 7.87
C31 LBN J . 18.22 -11.15 7.14
C32 LBN J . 19.34 -11.39 6.11
C33 LBN J . 18.88 -11.09 4.66
C34 LBN J . 15.83 -17.14 7.28
O7 LBN J . 15.20 -18.10 8.11
C35 LBN J . 17.25 -17.40 6.71
O8 LBN J . 15.27 -16.13 7.02
C36 LBN J . 18.01 -16.08 6.42
C37 LBN J . 19.50 -16.17 6.78
C38 LBN J . 20.38 -15.55 5.69
C1 LBN K . -22.26 10.28 6.57
N1 LBN K . -18.26 5.18 8.25
P1 LBN K . -19.98 9.54 7.62
C2 LBN K . -22.03 10.36 5.06
C3 LBN K . -23.35 10.09 4.38
C4 LBN K . -19.34 10.88 -5.07
C6 LBN K . -17.99 6.43 7.57
O1 LBN K . -21.51 9.21 7.06
C7 LBN K . -19.48 12.39 -5.36
C9 LBN K . -19.27 7.12 7.17
O2 LBN K . -18.94 8.46 6.97
C10 LBN K . -19.31 12.69 -6.85
C12 LBN K . -17.00 4.63 8.69
O3 LBN K . -19.57 10.93 7.24
C13 LBN K . -20.53 13.39 -7.46
C15 LBN K . -19.14 5.40 9.39
O4 LBN K . -19.97 9.38 9.12
C18 LBN K . -18.89 4.27 7.30
C25 LBN K . -24.79 8.34 3.80
O5 LBN K . -23.61 8.71 4.45
C26 LBN K . -24.73 7.62 2.45
O6 LBN K . -25.84 8.58 4.29
C27 LBN K . -24.15 8.50 1.33
C28 LBN K . -22.97 7.81 0.63
C29 LBN K . -22.72 8.32 -0.79
C30 LBN K . -21.32 8.96 -0.90
C31 LBN K . -20.65 8.71 -2.26
C32 LBN K . -20.79 9.92 -3.19
C33 LBN K . -19.42 10.55 -3.57
C34 LBN K . -21.14 11.79 3.38
O7 LBN K . -21.60 11.67 4.72
C35 LBN K . -21.81 12.82 2.41
O8 LBN K . -20.25 11.11 2.99
C36 LBN K . -21.68 12.39 0.94
C37 LBN K . -22.94 12.71 0.12
C38 LBN K . -22.60 13.32 -1.24
C P5S L . 6.93 3.33 23.94
N P5S L . 5.23 1.68 24.40
O P5S L . 7.36 4.39 23.43
C1 P5S L . 7.13 8.26 20.31
C2 P5S L . 5.79 8.45 21.05
C3 P5S L . 5.08 7.11 21.07
CA P5S L . 5.53 2.83 23.59
CB P5S L . 4.51 3.92 23.87
OG P5S L . 4.63 4.90 22.89
P12 P5S L . 3.42 5.98 22.76
O13 P5S L . 2.22 5.31 22.15
O15 P5S L . 3.05 6.50 24.12
O16 P5S L . 3.89 7.24 21.80
C17 P5S L . 9.43 8.05 20.74
O18 P5S L . 9.53 6.91 20.48
O19 P5S L . 8.18 8.58 21.19
C20 P5S L . 10.67 8.99 20.58
C21 P5S L . 10.35 10.25 19.78
C22 P5S L . 11.08 10.28 18.43
C23 P5S L . 10.34 11.14 17.41
C24 P5S L . 10.87 10.96 15.98
C25 P5S L . 9.73 10.94 14.95
C26 P5S L . 10.07 11.74 13.69
C27 P5S L . 9.05 11.51 12.54
C28 P5S L . 9.35 12.39 11.29
C29 P5S L . 8.77 11.81 9.98
C30 P5S L . 8.45 12.92 8.98
C31 P5S L . 9.12 12.72 7.62
C32 P5S L . 8.89 13.88 6.65
C33 P5S L . 10.19 14.59 6.30
O37 P5S L . 5.02 9.39 20.34
C38 P5S L . 5.59 10.70 20.26
C39 P5S L . 5.89 11.33 18.88
C40 P5S L . 5.88 12.88 18.93
C41 P5S L . 6.72 13.49 17.77
C42 P5S L . 6.10 14.81 17.23
C43 P5S L . 5.30 14.59 15.91
C44 P5S L . 4.32 15.78 15.62
C45 P5S L . 3.83 15.80 14.13
C46 P5S L . 2.29 16.01 14.04
O47 P5S L . 5.85 11.30 21.25
C48 P5S L . 1.87 16.81 12.77
OXT P5S L . 7.64 2.66 24.73
C P5S M . -4.59 8.96 25.27
N P5S M . -6.53 7.73 25.99
O P5S M . -4.04 8.64 26.36
C1 P5S M . -6.44 13.22 20.24
C2 P5S M . -6.48 13.57 21.73
C3 P5S M . -7.55 12.73 22.39
CA P5S M . -5.87 8.27 24.83
CB P5S M . -6.77 9.29 24.15
OG P5S M . -7.27 10.16 25.12
P12 P5S M . -8.10 11.48 24.64
O13 P5S M . -8.53 12.27 25.85
O15 P5S M . -9.31 11.06 23.84
O16 P5S M . -7.12 12.43 23.70
C17 P5S M . -4.60 14.23 19.09
O18 P5S M . -4.41 15.25 19.66
O19 P5S M . -5.10 13.09 19.80
C20 P5S M . -4.27 14.14 17.58
C21 P5S M . -3.39 15.32 17.13
C22 P5S M . -3.37 15.49 15.61
C23 P5S M . -3.11 14.16 14.88
C24 P5S M . -3.81 14.08 13.53
O37 P5S M . -6.81 14.93 21.87
C38 P5S M . -6.35 15.60 23.04
C39 P5S M . -5.59 16.95 22.88
C40 P5S M . -6.11 17.76 21.67
C41 P5S M . -5.04 18.73 21.12
C42 P5S M . -4.68 18.47 19.64
C43 P5S M . -4.18 19.74 18.91
C44 P5S M . -3.40 19.41 17.60
O47 P5S M . -6.53 15.16 24.11
OXT P5S M . -4.09 9.86 24.55
C1 LBN N . 16.87 -14.35 17.95
N1 LBN N . 11.29 -15.32 19.26
P1 LBN N . 15.14 -16.22 18.61
C2 LBN N . 17.08 -14.12 16.45
C3 LBN N . 16.16 -13.01 16.01
C4 LBN N . 16.32 -3.26 11.87
C5 LBN N . 27.67 -10.27 9.45
C6 LBN N . 12.38 -14.70 18.52
O1 LBN N . 15.52 -14.66 18.18
C7 LBN N . 17.55 -2.76 12.67
C8 LBN N . 28.71 -9.15 9.58
C9 LBN N . 12.95 -15.56 17.39
O2 LBN N . 13.68 -16.60 17.97
C10 LBN N . 17.34 -1.32 13.15
C11 LBN N . 29.79 -9.30 8.47
C12 LBN N . 11.81 -15.96 20.44
O3 LBN N . 16.18 -17.17 18.07
C13 LBN N . 18.67 -0.60 13.38
C14 LBN N . 30.08 -7.96 7.77
C15 LBN N . 10.56 -16.28 18.45
O4 LBN N . 15.07 -16.33 20.11
C16 LBN N . 18.51 0.91 13.34
C17 LBN N . 31.23 -8.08 6.75
C18 LBN N . 10.38 -14.28 19.66
C19 LBN N . 19.19 1.57 14.54
C20 LBN N . 31.20 -6.94 5.74
C21 LBN N . 19.39 3.07 14.33
C22 LBN N . 32.25 -7.08 4.66
C23 LBN N . 31.98 -6.16 3.48
C24 LBN N . 33.10 -6.18 2.47
C25 LBN N . 16.09 -11.28 14.45
O5 LBN N . 16.89 -12.18 15.16
C26 LBN N . 16.34 -11.04 12.95
O6 LBN N . 15.23 -10.68 15.00
C27 LBN N . 15.09 -10.46 12.25
C28 LBN N . 15.32 -9.01 11.79
C29 LBN N . 15.25 -8.84 10.28
C30 LBN N . 14.63 -7.48 9.91
C31 LBN N . 15.72 -6.44 9.62
C32 LBN N . 15.41 -5.10 10.33
C33 LBN N . 16.66 -4.54 11.07
C34 LBN N . 19.17 -14.43 15.30
O7 LBN N . 18.42 -13.69 16.25
C35 LBN N . 20.10 -13.66 14.33
O8 LBN N . 19.09 -15.60 15.26
C36 LBN N . 21.25 -14.53 13.76
C37 LBN N . 21.84 -13.89 12.50
C38 LBN N . 23.30 -13.46 12.68
C39 LBN N . 23.76 -12.53 11.55
C40 LBN N . 25.20 -12.07 11.71
C41 LBN N . 25.82 -11.68 10.33
C42 LBN N . 26.86 -10.56 10.48
C11 A1AIS O . -9.38 13.34 13.15
C12 A1AIS O . -10.66 13.13 12.35
C14 A1AIS O . -10.01 10.67 12.53
C16 A1AIS O . -9.50 8.17 12.47
C19 A1AIS O . -8.98 6.31 11.19
C20 A1AIS O . -9.80 5.47 10.21
C21 A1AIS O . -9.34 4.01 10.28
O22 A1AIS O . -8.61 3.85 11.46
O35 A1AIS O . -5.70 -2.13 9.79
C39 A1AIS O . -10.41 7.06 8.63
C41 A1AIS O . -9.83 8.46 8.48
C44 A1AIS O . -11.29 11.83 7.61
C45 A1AIS O . -12.57 12.63 7.82
C47 A1AIS O . -11.62 13.90 5.82
C48 A1AIS O . -11.96 14.93 4.75
C49 A1AIS O . -11.94 16.36 5.29
C28 A1AIS O . -8.31 -0.86 12.08
C29 A1AIS O . -7.71 -1.76 11.03
C10 A1AIS O . -9.12 14.82 13.44
C13 A1AIS O . -11.15 11.68 12.38
C15 A1AIS O . -10.56 9.25 12.69
C27 A1AIS O . -8.44 0.57 11.57
C30 A1AIS O . -6.25 -1.36 10.82
C31 A1AIS O . -6.10 0.12 10.45
C32 A1AIS O . -7.37 0.98 10.55
C42 A1AIS O . -10.77 9.36 7.69
C43 A1AIS O . -11.22 10.57 8.48
C46 A1AIS O . -12.66 13.87 6.95
O17 A1AIS O . -8.36 8.43 12.64
O18 A1AIS O . -9.88 6.90 12.08
O24 A1AIS O . -10.65 2.60 12.40
O25 A1AIS O . -9.04 3.56 13.97
O26 A1AIS O . -8.37 1.44 12.67
O33 A1AIS O . -7.95 0.98 9.28
O34 A1AIS O . -5.63 0.21 9.14
O36 A1AIS O . -7.75 -3.10 11.48
O37 A1AIS O . -9.59 -1.34 12.41
O38 A1AIS O . -9.59 5.97 8.92
O40 A1AIS O . -11.57 6.90 8.52
P23 A1AIS O . -9.19 2.86 12.64
C05 6OU P . 12.33 17.95 20.43
C06 6OU P . 13.56 18.51 19.71
C07 6OU P . 13.33 18.66 18.21
C08 6OU P . 14.64 18.87 17.43
C09 6OU P . 14.51 18.50 15.94
C10 6OU P . 15.87 18.12 15.32
C11 6OU P . 16.25 19.06 14.16
C12 6OU P . 17.12 18.36 13.09
C13 6OU P . 18.03 19.36 12.32
C14 6OU P . 17.98 19.12 10.80
C15 6OU P . 19.41 18.91 10.22
C16 6OU P . 19.53 17.54 9.53
O17 6OU P . 18.56 16.88 9.36
O18 6OU P . 20.79 17.05 9.09
C19 6OU P . 20.87 15.63 9.11
C20 6OU P . 21.74 15.21 10.29
C21 6OU P . 23.16 15.75 10.06
O22 6OU P . 23.98 14.69 9.66
P23 6OU P . 24.38 14.52 8.03
O24 6OU P . 23.46 15.38 7.20
O25 6OU P . 24.22 13.08 7.63
O26 6OU P . 25.94 15.00 7.78
C27 6OU P . 26.28 15.50 6.50
C28 6OU P . 27.66 16.17 6.60
N29 6OU P . 27.73 17.30 5.68
O30 6OU P . 21.81 13.82 10.38
C31 6OU P . 21.06 13.21 11.41
O32 6OU P . 21.39 12.15 11.83
C33 6OU P . 19.82 13.90 11.99
C34 6OU P . 18.69 12.93 12.32
C35 6OU P . 17.39 13.66 12.71
C36 6OU P . 16.41 12.77 13.46
C37 6OU P . 15.11 13.52 13.80
C38 6OU P . 14.48 13.02 15.11
C39 6OU P . 14.90 13.89 16.30
C40 6OU P . 13.65 14.48 16.97
C41 6OU P . 13.48 14.39 18.29
C42 6OU P . 14.52 13.67 19.15
C43 6OU P . 14.30 14.03 20.63
C44 6OU P . 14.02 12.79 21.50
C45 6OU P . 14.18 13.06 23.00
C46 6OU P . 15.59 13.53 23.37
CA CA Q . 30.15 12.52 11.46
C10 A1AIT R . 18.78 11.77 -2.44
C11 A1AIT R . 18.15 10.46 -2.93
C12 A1AIT R . 16.64 10.52 -2.71
C13 A1AIT R . 15.72 10.24 -3.71
C14 A1AIT R . 14.36 10.29 -3.44
C20 A1AIT R . 8.88 8.12 -3.72
C26 A1AIT R . 10.13 12.58 -5.63
C30 A1AIT R . 11.38 11.61 -3.67
C34 A1AIT R . 18.18 8.02 -2.13
C38 A1AIT R . 18.98 5.93 -3.18
C43 A1AIT R . 17.44 15.42 -6.01
C44 A1AIT R . 18.49 15.91 -5.21
C02 A1AIT R . 20.20 17.10 -4.20
C04 A1AIT R . 18.93 15.17 -4.13
C05 A1AIT R . 18.34 13.94 -3.83
C06 A1AIT R . 18.89 13.15 -2.67
C09 A1AIT R . 19.48 11.50 -1.29
C15 A1AIT R . 13.94 10.62 -2.17
C17 A1AIT R . 11.60 10.60 -2.76
C18 A1AIT R . 10.79 9.48 -2.76
C19 A1AIT R . 9.78 9.36 -3.70
C24 A1AIT R . 9.57 10.36 -4.62
C25 A1AIT R . 10.38 11.48 -4.60
C31 A1AIT R . 14.86 10.89 -1.18
C32 A1AIT R . 16.20 10.84 -1.45
C35 A1AIT R . 18.65 7.40 -3.43
C39 A1AIT R . 19.35 10.00 -1.00
C41 A1AIT R . 17.31 13.44 -4.63
C42 A1AIT R . 16.85 14.20 -5.73
F21 A1AIT R . 8.39 7.92 -4.98
F22 A1AIT R . 9.61 7.03 -3.34
F23 A1AIT R . 7.85 8.30 -2.85
F27 A1AIT R . 11.08 13.54 -5.50
F28 A1AIT R . 8.91 13.14 -5.38
F29 A1AIT R . 10.15 12.03 -6.87
F36 A1AIT R . 17.67 7.48 -4.36
F37 A1AIT R . 19.76 8.05 -3.88
N07 A1AIT R . 19.67 13.65 -1.68
N08 A1AIT R . 20.01 12.62 -0.86
N33 A1AIT R . 18.55 9.41 -2.04
N45 A1AIT R . 19.26 17.12 -5.27
O01 A1AIT R . 20.98 17.93 -3.95
O03 A1AIT R . 20.00 15.91 -3.50
O16 A1AIT R . 12.59 10.71 -1.78
O40 A1AIT R . 19.84 9.44 -0.08
#